data_4P1V
#
_entry.id   4P1V
#
_cell.length_a   62.398
_cell.length_b   63.150
_cell.length_c   90.320
_cell.angle_alpha   72.71
_cell.angle_beta   82.24
_cell.angle_gamma   60.75
#
_symmetry.space_group_name_H-M   'P 1'
#
loop_
_entity.id
_entity.type
_entity.pdbx_description
1 polymer 'P domain of VPI'
2 branched alpha-L-fucopyranose-(1-2)-beta-D-galactopyranose-(1-4)-2-acetamido-2-deoxy-beta-D-glucopyranose
3 water water
#
_entity_poly.entity_id   1
_entity_poly.type   'polypeptide(L)'
_entity_poly.pdbx_seq_one_letter_code
;EQKTRQLTVPNIPLNNLANSRVPAMINKMTVSTDQNQVVQFQNGRCTLEGQLLGTTPVSASQVARIRGKVFSTASGKGLN
LTELDGTPYHAFESPAPLGFPDIGACDWHVSTFKVDQNLSGDPMSRLDVKQNAPFAPHLGSIEFTSDQDPTGDQLGTLAW
VSPSTSGARVDPWKIPSYGSTVTESTHLAPPIFPPGFGEAIVYFMSDFPIVSGNTAQVPCTLPQEFVSHFVEQQAPVRGE
AALLHYVDPDTHRNLGEFKLYPDGFITCVPNTGGGPQNLPTNGVFVFSSWVSRYYQLKPVG
;
_entity_poly.pdbx_strand_id   A,B,C,D
#
loop_
_chem_comp.id
_chem_comp.type
_chem_comp.name
_chem_comp.formula
FUC L-saccharide, alpha linking alpha-L-fucopyranose 'C6 H12 O5'
GAL D-saccharide, beta linking beta-D-galactopyranose 'C6 H12 O6'
NAG D-saccharide, beta linking 2-acetamido-2-deoxy-beta-D-glucopyranose 'C8 H15 N O6'
#
# COMPACT_ATOMS: atom_id res chain seq x y z
N LEU A 7 17.24 33.22 -12.86
CA LEU A 7 16.56 32.14 -13.55
C LEU A 7 17.43 31.59 -14.69
N THR A 8 17.50 30.27 -14.82
CA THR A 8 18.03 29.63 -16.03
C THR A 8 17.05 28.57 -16.50
N VAL A 9 17.23 28.13 -17.75
CA VAL A 9 16.57 26.93 -18.27
C VAL A 9 17.68 25.93 -18.64
N PRO A 10 17.35 24.64 -18.83
CA PRO A 10 18.43 23.65 -19.05
C PRO A 10 19.33 24.02 -20.23
N ASN A 11 20.64 24.00 -20.02
CA ASN A 11 21.61 24.19 -21.10
C ASN A 11 21.87 22.84 -21.79
N ILE A 12 20.83 22.37 -22.47
CA ILE A 12 20.82 21.07 -23.10
C ILE A 12 20.06 21.21 -24.43
N PRO A 13 20.61 20.69 -25.53
CA PRO A 13 19.93 20.82 -26.83
C PRO A 13 18.58 20.12 -26.81
N LEU A 14 17.65 20.63 -27.62
CA LEU A 14 16.27 20.12 -27.58
C LEU A 14 16.17 18.62 -27.84
N ASN A 15 16.96 18.13 -28.78
CA ASN A 15 16.91 16.73 -29.13
C ASN A 15 17.51 15.80 -28.07
N ASN A 16 18.14 16.38 -27.04
CA ASN A 16 18.59 15.62 -25.86
C ASN A 16 17.66 15.78 -24.66
N LEU A 17 16.45 16.31 -24.89
CA LEU A 17 15.45 16.48 -23.84
C LEU A 17 14.32 15.45 -24.01
N ALA A 18 13.78 15.01 -22.89
CA ALA A 18 12.73 13.98 -22.86
C ALA A 18 11.33 14.56 -22.94
N ASN A 19 10.43 13.82 -23.57
CA ASN A 19 9.01 14.14 -23.50
C ASN A 19 8.54 13.93 -22.05
N SER A 20 7.59 14.77 -21.62
CA SER A 20 7.06 14.69 -20.28
C SER A 20 5.73 13.91 -20.23
N ARG A 21 5.26 13.43 -21.37
CA ARG A 21 4.00 12.69 -21.36
C ARG A 21 4.19 11.24 -21.83
N VAL A 22 5.29 10.95 -22.53
CA VAL A 22 5.62 9.55 -22.85
C VAL A 22 7.10 9.37 -22.70
N PRO A 23 7.56 8.12 -22.46
CA PRO A 23 9.01 7.93 -22.28
C PRO A 23 9.71 7.87 -23.64
N ALA A 24 10.11 9.04 -24.13
CA ALA A 24 10.67 9.18 -25.46
C ALA A 24 11.39 10.50 -25.49
N MET A 25 12.27 10.67 -26.47
CA MET A 25 13.00 11.93 -26.64
C MET A 25 12.21 12.86 -27.54
N ILE A 26 12.39 14.16 -27.34
CA ILE A 26 11.76 15.17 -28.19
C ILE A 26 12.48 15.20 -29.51
N ASN A 27 11.69 15.14 -30.57
CA ASN A 27 12.29 15.21 -31.91
C ASN A 27 11.93 16.43 -32.73
N LYS A 28 10.93 17.20 -32.28
CA LYS A 28 10.64 18.49 -32.93
C LYS A 28 9.69 19.32 -32.09
N MET A 29 9.57 20.59 -32.47
CA MET A 29 8.59 21.51 -31.91
C MET A 29 7.55 21.79 -32.97
N THR A 30 6.36 22.14 -32.53
CA THR A 30 5.36 22.61 -33.47
C THR A 30 4.36 23.50 -32.75
N VAL A 31 3.50 24.14 -33.53
CA VAL A 31 2.35 24.83 -32.99
C VAL A 31 1.16 24.00 -33.45
N SER A 32 0.05 24.12 -32.73
CA SER A 32 -1.15 23.36 -33.10
C SER A 32 -1.77 23.94 -34.38
N THR A 33 -2.41 23.09 -35.18
CA THR A 33 -3.00 23.53 -36.44
C THR A 33 -4.06 24.62 -36.20
N ASP A 34 -4.87 24.43 -35.17
CA ASP A 34 -5.72 25.51 -34.69
C ASP A 34 -4.96 26.13 -33.54
N GLN A 35 -4.43 27.34 -33.75
CA GLN A 35 -3.62 27.96 -32.71
C GLN A 35 -4.49 28.47 -31.54
N ASN A 36 -5.81 28.35 -31.64
CA ASN A 36 -6.67 28.69 -30.50
C ASN A 36 -7.05 27.50 -29.65
N GLN A 37 -6.53 26.33 -30.00
CA GLN A 37 -6.83 25.13 -29.24
C GLN A 37 -6.28 25.20 -27.82
N VAL A 38 -7.13 24.82 -26.86
CA VAL A 38 -6.78 24.79 -25.45
C VAL A 38 -6.44 23.34 -25.07
N VAL A 39 -5.36 23.16 -24.29
CA VAL A 39 -5.01 21.83 -23.81
C VAL A 39 -5.04 21.79 -22.28
N GLN A 40 -5.08 20.59 -21.72
CA GLN A 40 -5.14 20.45 -20.29
C GLN A 40 -4.32 19.23 -19.83
N PHE A 41 -3.13 19.08 -20.43
CA PHE A 41 -2.27 17.96 -20.09
C PHE A 41 -2.03 17.94 -18.57
N GLN A 42 -1.96 16.75 -17.99
CA GLN A 42 -1.74 16.60 -16.56
C GLN A 42 -0.29 16.28 -16.19
N ASN A 43 0.48 15.77 -17.17
CA ASN A 43 1.92 15.60 -17.02
C ASN A 43 2.65 16.70 -17.78
N GLY A 44 3.91 16.90 -17.44
CA GLY A 44 4.66 18.00 -18.00
C GLY A 44 4.24 19.37 -17.46
N ARG A 45 3.61 19.41 -16.28
CA ARG A 45 3.05 20.66 -15.75
C ARG A 45 3.79 21.05 -14.47
N CYS A 46 4.35 22.26 -14.48
CA CYS A 46 5.12 22.74 -13.35
C CYS A 46 5.24 24.24 -13.52
N THR A 47 5.02 24.98 -12.43
CA THR A 47 5.20 26.42 -12.51
C THR A 47 6.68 26.74 -12.51
N LEU A 48 7.01 27.94 -12.97
CA LEU A 48 8.39 28.40 -13.08
C LEU A 48 9.08 28.44 -11.71
N GLU A 49 8.29 28.66 -10.67
CA GLU A 49 8.80 28.63 -9.30
C GLU A 49 9.10 27.24 -8.75
N GLY A 50 8.73 26.21 -9.51
CA GLY A 50 9.03 24.83 -9.14
C GLY A 50 7.90 24.09 -8.46
N GLN A 51 6.66 24.53 -8.67
CA GLN A 51 5.52 23.79 -8.11
C GLN A 51 4.98 22.78 -9.11
N LEU A 52 5.09 21.48 -8.82
CA LEU A 52 4.51 20.47 -9.72
C LEU A 52 2.99 20.57 -9.74
N LEU A 53 2.40 20.35 -10.92
CA LEU A 53 0.95 20.42 -11.04
C LEU A 53 0.42 19.12 -11.64
N GLY A 54 -0.85 18.82 -11.38
CA GLY A 54 -1.44 17.62 -11.95
C GLY A 54 -0.74 16.36 -11.46
N THR A 55 -0.46 15.44 -12.37
CA THR A 55 0.21 14.20 -12.00
C THR A 55 1.70 14.25 -12.30
N THR A 56 2.22 15.42 -12.64
CA THR A 56 3.61 15.54 -13.09
C THR A 56 4.61 15.10 -12.03
N PRO A 57 5.52 14.16 -12.42
CA PRO A 57 6.60 13.73 -11.54
C PRO A 57 7.87 14.50 -11.87
N VAL A 58 8.96 14.21 -11.17
CA VAL A 58 10.21 14.94 -11.36
C VAL A 58 11.12 14.35 -12.44
N SER A 59 11.22 13.02 -12.51
CA SER A 59 12.19 12.37 -13.39
C SER A 59 11.56 11.87 -14.70
N ALA A 60 12.33 11.91 -15.76
CA ALA A 60 11.89 11.34 -17.04
C ALA A 60 11.56 9.86 -16.94
N SER A 61 12.17 9.18 -15.96
CA SER A 61 11.90 7.75 -15.74
C SER A 61 10.71 7.49 -14.80
N GLN A 62 9.96 8.55 -14.50
CA GLN A 62 8.65 8.41 -13.85
C GLN A 62 7.48 8.67 -14.82
N VAL A 63 7.80 9.10 -16.04
CA VAL A 63 6.76 9.56 -16.98
C VAL A 63 5.97 8.40 -17.60
N ALA A 64 4.64 8.44 -17.47
CA ALA A 64 3.76 7.42 -18.04
C ALA A 64 4.02 6.00 -17.52
N ARG A 65 4.15 5.89 -16.19
CA ARG A 65 4.36 4.62 -15.50
C ARG A 65 3.23 4.40 -14.53
N ILE A 66 3.02 3.13 -14.19
CA ILE A 66 1.93 2.74 -13.31
C ILE A 66 2.46 1.70 -12.34
N ARG A 67 2.05 1.80 -11.08
CA ARG A 67 2.33 0.76 -10.10
C ARG A 67 1.09 0.49 -9.29
N GLY A 68 0.85 -0.77 -8.97
CA GLY A 68 -0.23 -1.11 -8.09
C GLY A 68 -0.24 -2.58 -7.72
N LYS A 69 -1.15 -2.94 -6.83
CA LYS A 69 -1.30 -4.33 -6.41
C LYS A 69 -2.48 -4.94 -7.14
N VAL A 70 -2.26 -6.11 -7.73
CA VAL A 70 -3.32 -6.80 -8.45
C VAL A 70 -4.46 -7.25 -7.50
N PHE A 71 -5.69 -7.03 -7.96
CA PHE A 71 -6.88 -7.59 -7.32
C PHE A 71 -7.70 -8.34 -8.35
N SER A 72 -8.49 -9.29 -7.87
CA SER A 72 -9.35 -10.09 -8.72
C SER A 72 -10.76 -10.10 -8.15
N THR A 73 -11.77 -9.87 -8.99
CA THR A 73 -13.14 -10.11 -8.59
C THR A 73 -13.77 -11.03 -9.61
N ALA A 74 -15.07 -11.30 -9.45
CA ALA A 74 -15.77 -12.14 -10.40
C ALA A 74 -15.72 -11.59 -11.82
N SER A 75 -15.61 -10.27 -11.98
CA SER A 75 -15.69 -9.70 -13.33
C SER A 75 -14.31 -9.53 -13.95
N GLY A 76 -13.26 -9.63 -13.16
CA GLY A 76 -11.94 -9.63 -13.74
C GLY A 76 -10.90 -9.08 -12.80
N LYS A 77 -9.77 -8.66 -13.36
CA LYS A 77 -8.64 -8.20 -12.56
C LYS A 77 -8.48 -6.70 -12.68
N GLY A 78 -7.75 -6.15 -11.72
CA GLY A 78 -7.37 -4.76 -11.78
C GLY A 78 -6.14 -4.47 -10.93
N LEU A 79 -5.78 -3.19 -10.87
CA LEU A 79 -4.72 -2.76 -9.97
C LEU A 79 -5.30 -1.77 -8.96
N ASN A 80 -4.97 -2.00 -7.68
CA ASN A 80 -5.15 -0.99 -6.66
C ASN A 80 -3.86 -0.15 -6.66
N LEU A 81 -4.01 1.09 -7.11
CA LEU A 81 -2.85 1.93 -7.41
C LEU A 81 -2.06 2.41 -6.20
N THR A 82 -0.75 2.51 -6.38
CA THR A 82 0.12 3.21 -5.45
C THR A 82 0.96 4.25 -6.20
N GLU A 83 1.72 5.05 -5.45
CA GLU A 83 2.77 5.83 -6.11
C GLU A 83 3.81 4.85 -6.68
N LEU A 84 4.67 5.34 -7.56
CA LEU A 84 5.62 4.48 -8.26
C LEU A 84 6.67 3.87 -7.34
N ASP A 85 6.87 4.47 -6.17
CA ASP A 85 7.77 3.93 -5.16
C ASP A 85 7.05 2.98 -4.20
N GLY A 86 5.78 2.70 -4.47
CA GLY A 86 5.03 1.77 -3.66
C GLY A 86 4.29 2.37 -2.46
N THR A 87 4.50 3.68 -2.21
CA THR A 87 3.86 4.40 -1.10
C THR A 87 2.42 4.84 -1.44
N PRO A 88 1.63 5.22 -0.41
CA PRO A 88 0.22 5.54 -0.66
C PRO A 88 0.05 6.66 -1.67
N TYR A 89 -0.95 6.46 -2.54
CA TYR A 89 -1.36 7.39 -3.57
C TYR A 89 -2.13 8.54 -2.91
N HIS A 90 -1.73 9.76 -3.26
CA HIS A 90 -2.29 11.00 -2.74
C HIS A 90 -3.56 11.46 -3.47
N ALA A 91 -4.64 10.69 -3.38
CA ALA A 91 -5.88 11.10 -4.07
C ALA A 91 -6.43 12.45 -3.60
N PHE A 92 -6.07 12.83 -2.36
CA PHE A 92 -6.62 14.04 -1.75
C PHE A 92 -6.11 15.28 -2.48
N GLU A 93 -5.01 15.15 -3.22
CA GLU A 93 -4.42 16.32 -3.89
C GLU A 93 -4.02 16.14 -5.38
N SER A 94 -4.16 14.94 -5.93
CA SER A 94 -3.76 14.72 -7.32
C SER A 94 -4.78 13.86 -8.05
N PRO A 95 -4.84 13.96 -9.40
CA PRO A 95 -5.82 13.18 -10.18
C PRO A 95 -5.57 11.68 -10.17
N ALA A 96 -4.32 11.29 -9.92
CA ALA A 96 -3.86 9.91 -10.01
C ALA A 96 -2.44 9.92 -9.42
N PRO A 97 -1.79 8.74 -9.30
CA PRO A 97 -0.41 8.71 -8.79
C PRO A 97 0.52 9.54 -9.70
N LEU A 98 1.56 10.13 -9.14
CA LEU A 98 2.47 10.90 -9.98
C LEU A 98 3.07 10.01 -11.07
N GLY A 99 3.17 10.58 -12.27
CA GLY A 99 3.66 9.84 -13.41
C GLY A 99 2.61 9.02 -14.16
N PHE A 100 1.41 8.85 -13.59
CA PHE A 100 0.35 8.07 -14.24
C PHE A 100 0.11 8.63 -15.64
N PRO A 101 -0.08 7.76 -16.65
CA PRO A 101 -0.26 8.31 -18.00
C PRO A 101 -1.48 9.25 -18.12
N ASP A 102 -1.36 10.22 -19.02
CA ASP A 102 -2.42 11.19 -19.26
C ASP A 102 -2.83 11.26 -20.74
N ILE A 103 -2.67 10.13 -21.43
CA ILE A 103 -3.06 10.07 -22.83
C ILE A 103 -4.53 9.64 -22.85
N GLY A 104 -5.43 10.57 -23.09
CA GLY A 104 -6.85 10.25 -22.92
C GLY A 104 -7.54 9.52 -24.07
N ALA A 105 -8.69 8.94 -23.74
CA ALA A 105 -9.65 8.42 -24.71
C ALA A 105 -9.02 7.40 -25.66
N CYS A 106 -8.33 6.41 -25.10
CA CYS A 106 -7.75 5.32 -25.88
C CYS A 106 -7.48 4.14 -24.95
N ASP A 107 -7.27 2.94 -25.52
CA ASP A 107 -6.76 1.82 -24.73
C ASP A 107 -5.27 1.99 -24.50
N TRP A 108 -4.81 1.61 -23.33
CA TRP A 108 -3.39 1.59 -23.00
C TRP A 108 -2.92 0.16 -22.93
N HIS A 109 -1.64 -0.05 -23.25
CA HIS A 109 -1.03 -1.35 -23.15
C HIS A 109 0.25 -1.12 -22.37
N VAL A 110 0.29 -1.63 -21.14
CA VAL A 110 1.30 -1.24 -20.15
C VAL A 110 2.13 -2.48 -19.81
N SER A 111 3.45 -2.39 -19.97
CA SER A 111 4.28 -3.57 -19.73
C SER A 111 4.84 -3.53 -18.31
N THR A 112 4.46 -4.52 -17.50
CA THR A 112 4.80 -4.54 -16.07
C THR A 112 5.56 -5.80 -15.64
N PHE A 113 6.25 -5.70 -14.52
CA PHE A 113 6.84 -6.87 -13.90
C PHE A 113 6.50 -6.89 -12.42
N LYS A 114 6.62 -8.06 -11.81
CA LYS A 114 6.36 -8.21 -10.38
C LYS A 114 7.60 -7.82 -9.58
N VAL A 115 7.43 -6.81 -8.73
CA VAL A 115 8.53 -6.29 -7.95
C VAL A 115 8.81 -7.26 -6.80
N ASP A 116 10.06 -7.39 -6.37
CA ASP A 116 10.35 -8.29 -5.26
C ASP A 116 9.94 -9.77 -5.51
N GLN A 117 9.99 -10.21 -6.77
CA GLN A 117 9.67 -11.60 -7.14
C GLN A 117 10.93 -12.20 -7.73
N ASN A 118 11.29 -13.41 -7.31
CA ASN A 118 12.34 -14.14 -8.03
C ASN A 118 11.70 -14.59 -9.32
N LEU A 119 12.18 -14.00 -10.41
CA LEU A 119 11.51 -14.12 -11.69
C LEU A 119 12.05 -15.31 -12.46
N SER A 120 11.15 -15.96 -13.18
CA SER A 120 11.55 -17.05 -14.05
C SER A 120 10.72 -16.97 -15.34
N GLY A 121 11.18 -17.67 -16.36
CA GLY A 121 10.46 -17.67 -17.63
C GLY A 121 10.43 -16.27 -18.23
N ASP A 122 9.26 -15.90 -18.72
CA ASP A 122 9.02 -14.56 -19.22
C ASP A 122 8.45 -13.73 -18.05
N PRO A 123 9.20 -12.71 -17.59
CA PRO A 123 8.79 -11.96 -16.40
C PRO A 123 7.76 -10.87 -16.68
N MET A 124 7.45 -10.60 -17.96
CA MET A 124 6.64 -9.43 -18.26
C MET A 124 5.17 -9.79 -18.41
N SER A 125 4.30 -8.86 -17.98
CA SER A 125 2.87 -8.93 -18.27
C SER A 125 2.49 -7.68 -19.03
N ARG A 126 1.60 -7.82 -20.01
CA ARG A 126 1.08 -6.64 -20.67
C ARG A 126 -0.35 -6.43 -20.18
N LEU A 127 -0.58 -5.29 -19.55
CA LEU A 127 -1.89 -4.97 -19.00
C LEU A 127 -2.60 -4.11 -20.02
N ASP A 128 -3.75 -4.59 -20.47
CA ASP A 128 -4.53 -3.91 -21.48
C ASP A 128 -5.68 -3.18 -20.77
N VAL A 129 -5.63 -1.86 -20.83
CA VAL A 129 -6.48 -1.02 -19.99
C VAL A 129 -7.42 -0.20 -20.87
N LYS A 130 -8.73 -0.23 -20.59
CA LYS A 130 -9.68 0.59 -21.34
C LYS A 130 -10.10 1.80 -20.54
N GLN A 131 -10.32 2.93 -21.21
CA GLN A 131 -10.82 4.11 -20.54
C GLN A 131 -12.35 4.16 -20.64
N ASN A 132 -12.98 3.18 -19.98
CA ASN A 132 -14.43 3.08 -19.87
C ASN A 132 -14.85 3.18 -18.38
N ALA A 133 -16.00 2.63 -17.98
CA ALA A 133 -16.53 2.96 -16.63
C ALA A 133 -15.68 2.59 -15.39
N PRO A 134 -15.10 1.39 -15.34
CA PRO A 134 -14.25 1.10 -14.18
C PRO A 134 -12.90 1.84 -14.19
N PHE A 135 -12.69 2.66 -15.20
CA PHE A 135 -11.48 3.46 -15.25
C PHE A 135 -11.73 4.67 -14.35
N ALA A 136 -11.32 4.54 -13.11
CA ALA A 136 -11.52 5.61 -12.15
C ALA A 136 -10.25 5.72 -11.34
N PRO A 137 -9.16 6.06 -12.02
CA PRO A 137 -7.88 6.07 -11.33
C PRO A 137 -7.85 7.02 -10.14
N HIS A 138 -8.63 8.10 -10.20
CA HIS A 138 -8.61 8.98 -9.06
C HIS A 138 -9.13 8.29 -7.77
N LEU A 139 -10.07 7.36 -7.91
CA LEU A 139 -10.56 6.62 -6.74
C LEU A 139 -9.61 5.51 -6.33
N GLY A 140 -8.57 5.32 -7.12
CA GLY A 140 -7.45 4.46 -6.74
C GLY A 140 -7.39 3.10 -7.38
N SER A 141 -8.20 2.84 -8.40
CA SER A 141 -8.11 1.57 -9.07
C SER A 141 -8.37 1.67 -10.56
N ILE A 142 -7.77 0.76 -11.32
CA ILE A 142 -8.14 0.57 -12.71
C ILE A 142 -8.33 -0.91 -12.97
N GLU A 143 -9.07 -1.25 -14.01
CA GLU A 143 -9.21 -2.63 -14.40
C GLU A 143 -8.38 -2.90 -15.63
N PHE A 144 -8.02 -4.16 -15.84
CA PHE A 144 -7.30 -4.54 -17.06
C PHE A 144 -7.68 -5.94 -17.47
N THR A 145 -7.36 -6.27 -18.72
CA THR A 145 -7.29 -7.65 -19.18
C THR A 145 -5.82 -7.92 -19.54
N SER A 146 -5.43 -9.19 -19.52
CA SER A 146 -4.06 -9.55 -19.85
C SER A 146 -3.99 -11.00 -20.30
N ASP A 147 -3.13 -11.27 -21.29
CA ASP A 147 -2.89 -12.62 -21.73
C ASP A 147 -1.91 -13.35 -20.80
N GLN A 148 -1.31 -12.60 -19.87
CA GLN A 148 -0.41 -13.20 -18.89
C GLN A 148 -1.13 -13.34 -17.54
N ASP A 149 -0.39 -13.64 -16.48
CA ASP A 149 -1.04 -13.85 -15.17
C ASP A 149 -0.38 -13.01 -14.09
N PRO A 150 -0.46 -11.68 -14.21
CA PRO A 150 0.18 -10.81 -13.22
C PRO A 150 -0.48 -10.95 -11.86
N THR A 151 0.35 -10.96 -10.82
CA THR A 151 -0.10 -11.01 -9.43
C THR A 151 0.74 -10.05 -8.59
N GLY A 152 0.24 -9.70 -7.42
CA GLY A 152 1.03 -8.90 -6.49
C GLY A 152 1.33 -7.50 -6.97
N ASP A 153 2.53 -7.02 -6.60
CA ASP A 153 2.96 -5.63 -6.80
C ASP A 153 3.57 -5.51 -8.21
N GLN A 154 2.84 -4.88 -9.12
CA GLN A 154 3.26 -4.73 -10.52
C GLN A 154 3.70 -3.30 -10.80
N LEU A 155 4.85 -3.15 -11.44
CA LEU A 155 5.36 -1.84 -11.80
C LEU A 155 5.67 -1.83 -13.27
N GLY A 156 5.26 -0.81 -14.00
CA GLY A 156 5.54 -0.82 -15.41
C GLY A 156 5.36 0.48 -16.14
N THR A 157 5.43 0.40 -17.46
CA THR A 157 5.53 1.58 -18.31
C THR A 157 4.57 1.45 -19.48
N LEU A 158 3.90 2.55 -19.82
CA LEU A 158 3.05 2.58 -21.01
C LEU A 158 3.89 2.21 -22.22
N ALA A 159 3.46 1.18 -22.94
CA ALA A 159 4.21 0.67 -24.09
C ALA A 159 3.62 1.15 -25.41
N TRP A 160 2.30 1.17 -25.52
CA TRP A 160 1.66 1.64 -26.73
C TRP A 160 0.20 1.90 -26.47
N VAL A 161 -0.46 2.59 -27.41
CA VAL A 161 -1.89 2.88 -27.24
C VAL A 161 -2.66 2.53 -28.52
N SER A 162 -3.97 2.31 -28.39
CA SER A 162 -4.78 1.89 -29.51
C SER A 162 -6.20 2.43 -29.34
N PRO A 163 -7.01 2.35 -30.38
CA PRO A 163 -8.38 2.87 -30.33
C PRO A 163 -9.23 2.25 -29.22
N SER A 164 -10.15 3.03 -28.67
CA SER A 164 -11.04 2.52 -27.63
C SER A 164 -12.05 1.56 -28.24
N THR A 165 -12.51 1.90 -29.43
CA THR A 165 -13.44 1.07 -30.17
C THR A 165 -12.88 0.77 -31.56
N SER A 166 -13.60 0.03 -32.38
CA SER A 166 -13.01 -0.48 -33.63
C SER A 166 -12.36 0.59 -34.51
N GLY A 167 -13.18 1.51 -35.03
CA GLY A 167 -12.71 2.48 -36.01
C GLY A 167 -12.29 3.84 -35.45
N ALA A 168 -12.44 4.02 -34.15
CA ALA A 168 -12.09 5.25 -33.52
C ALA A 168 -10.64 5.61 -33.77
N ARG A 169 -10.28 6.84 -33.44
CA ARG A 169 -8.93 7.33 -33.70
C ARG A 169 -8.30 7.82 -32.40
N VAL A 170 -7.04 7.47 -32.19
CA VAL A 170 -6.36 7.86 -30.96
C VAL A 170 -5.96 9.32 -31.16
N ASP A 171 -6.34 10.19 -30.24
CA ASP A 171 -5.96 11.59 -30.26
C ASP A 171 -5.16 11.84 -29.00
N PRO A 172 -3.82 11.92 -29.13
CA PRO A 172 -3.03 12.01 -27.91
C PRO A 172 -3.00 13.42 -27.30
N TRP A 173 -3.79 14.34 -27.86
CA TRP A 173 -3.94 15.67 -27.29
C TRP A 173 -5.02 15.70 -26.22
N LYS A 174 -5.75 14.60 -26.07
CA LYS A 174 -6.79 14.49 -25.04
C LYS A 174 -6.23 13.96 -23.74
N ILE A 175 -6.92 14.23 -22.64
CA ILE A 175 -6.57 13.67 -21.34
C ILE A 175 -7.67 12.74 -20.83
N PRO A 176 -7.34 11.89 -19.82
CA PRO A 176 -8.34 10.98 -19.28
C PRO A 176 -9.41 11.70 -18.47
N SER A 177 -10.50 11.00 -18.25
CA SER A 177 -11.46 11.35 -17.22
C SER A 177 -11.09 10.50 -16.01
N TYR A 178 -10.54 11.13 -14.99
CA TYR A 178 -9.93 10.41 -13.87
C TYR A 178 -10.94 9.96 -12.82
N GLY A 179 -12.12 10.58 -12.81
CA GLY A 179 -13.11 10.30 -11.80
C GLY A 179 -14.16 9.33 -12.29
N SER A 180 -14.99 8.84 -11.37
CA SER A 180 -16.03 7.89 -11.73
C SER A 180 -17.35 8.56 -12.04
N THR A 181 -17.52 9.77 -11.51
CA THR A 181 -18.74 10.52 -11.71
C THR A 181 -18.42 11.88 -12.34
N THR A 183 -19.12 14.72 -11.34
CA THR A 183 -19.13 15.53 -10.13
C THR A 183 -17.95 15.33 -9.19
N GLU A 184 -17.22 14.23 -9.35
CA GLU A 184 -16.09 13.91 -8.47
C GLU A 184 -14.94 14.91 -8.66
N SER A 185 -14.41 15.45 -7.56
CA SER A 185 -13.27 16.37 -7.63
C SER A 185 -11.97 15.60 -7.90
N THR A 186 -11.32 15.86 -9.03
CA THR A 186 -10.08 15.17 -9.34
C THR A 186 -8.78 16.02 -9.28
N HIS A 187 -8.86 17.30 -8.90
CA HIS A 187 -7.66 18.14 -8.67
C HIS A 187 -6.76 18.29 -9.92
N LEU A 188 -7.40 18.55 -11.07
CA LEU A 188 -6.69 18.68 -12.32
C LEU A 188 -5.84 19.94 -12.39
N ALA A 189 -4.67 19.84 -13.02
CA ALA A 189 -3.95 21.03 -13.43
C ALA A 189 -4.87 21.79 -14.38
N PRO A 190 -4.86 23.12 -14.31
CA PRO A 190 -5.83 23.86 -15.11
C PRO A 190 -5.47 23.88 -16.59
N PRO A 191 -6.42 24.30 -17.43
CA PRO A 191 -6.10 24.41 -18.87
C PRO A 191 -5.00 25.44 -19.13
N ILE A 192 -4.31 25.24 -20.25
CA ILE A 192 -3.34 26.20 -20.78
C ILE A 192 -3.99 26.93 -21.94
N PHE A 193 -4.20 28.24 -21.80
CA PHE A 193 -4.82 29.05 -22.85
C PHE A 193 -3.78 29.80 -23.67
N PRO A 194 -3.88 29.74 -25.01
CA PRO A 194 -3.07 30.64 -25.84
C PRO A 194 -3.32 32.08 -25.35
N PRO A 195 -2.24 32.83 -25.08
CA PRO A 195 -2.45 34.08 -24.30
C PRO A 195 -2.82 35.36 -25.06
N GLY A 196 -2.94 35.23 -26.36
CA GLY A 196 -3.41 36.28 -27.26
C GLY A 196 -2.32 36.92 -28.11
N PHE A 197 -2.71 37.96 -28.83
CA PHE A 197 -1.82 38.74 -29.67
C PHE A 197 -0.97 37.91 -30.62
N GLY A 198 -1.60 36.88 -31.17
CA GLY A 198 -0.95 36.03 -32.14
C GLY A 198 0.03 35.03 -31.57
N GLU A 199 0.14 34.93 -30.25
CA GLU A 199 1.05 33.94 -29.70
C GLU A 199 0.44 32.54 -29.78
N ALA A 200 1.30 31.54 -29.96
CA ALA A 200 0.86 30.15 -30.02
C ALA A 200 1.66 29.33 -29.05
N ILE A 201 1.00 28.40 -28.38
CA ILE A 201 1.70 27.50 -27.48
C ILE A 201 2.67 26.62 -28.27
N VAL A 202 3.87 26.44 -27.73
CA VAL A 202 4.85 25.54 -28.36
C VAL A 202 4.70 24.14 -27.77
N TYR A 203 4.54 23.17 -28.68
CA TYR A 203 4.40 21.75 -28.31
C TYR A 203 5.64 20.98 -28.73
N PHE A 204 6.13 20.16 -27.79
CA PHE A 204 7.32 19.37 -27.99
C PHE A 204 6.87 17.96 -28.30
N MET A 205 7.26 17.45 -29.48
CA MET A 205 6.65 16.25 -30.03
C MET A 205 7.61 15.07 -29.99
N SER A 206 7.07 13.87 -29.76
CA SER A 206 7.87 12.64 -29.82
C SER A 206 7.18 11.54 -30.62
N ASP A 207 7.98 10.73 -31.29
CA ASP A 207 7.45 9.48 -31.83
C ASP A 207 7.06 8.54 -30.69
N PHE A 208 5.98 7.79 -30.88
CA PHE A 208 5.53 6.82 -29.90
C PHE A 208 4.57 5.87 -30.60
N PRO A 209 4.55 4.58 -30.21
CA PRO A 209 3.68 3.65 -30.95
C PRO A 209 2.18 3.86 -30.65
N ILE A 210 1.51 4.46 -31.62
CA ILE A 210 0.07 4.69 -31.59
C ILE A 210 -0.57 3.92 -32.72
N VAL A 211 -1.45 2.97 -32.39
CA VAL A 211 -2.19 2.29 -33.42
C VAL A 211 -3.39 3.16 -33.79
N SER A 212 -3.49 3.49 -35.08
CA SER A 212 -4.59 4.29 -35.58
C SER A 212 -4.68 5.64 -34.90
N GLN A 217 2.29 12.06 -33.63
CA GLN A 217 3.27 12.21 -32.55
C GLN A 217 2.57 12.62 -31.27
N VAL A 218 3.26 12.45 -30.13
CA VAL A 218 2.68 12.82 -28.84
C VAL A 218 3.24 14.17 -28.39
N PRO A 219 2.34 15.13 -28.13
CA PRO A 219 2.80 16.48 -27.72
C PRO A 219 2.98 16.61 -26.21
N CYS A 220 3.86 17.50 -25.79
CA CYS A 220 3.84 17.93 -24.41
C CYS A 220 4.17 19.40 -24.39
N THR A 221 3.95 20.06 -23.27
CA THR A 221 4.14 21.49 -23.17
C THR A 221 5.43 21.92 -22.42
N LEU A 222 6.08 21.00 -21.69
CA LEU A 222 7.45 21.24 -21.20
C LEU A 222 8.27 19.97 -21.37
N PRO A 223 9.51 20.11 -21.86
CA PRO A 223 10.37 18.93 -21.83
C PRO A 223 10.57 18.53 -20.36
N GLN A 224 10.72 17.25 -20.09
CA GLN A 224 10.77 16.81 -18.70
C GLN A 224 11.92 17.45 -17.92
N GLU A 225 13.08 17.64 -18.54
CA GLU A 225 14.21 18.24 -17.82
C GLU A 225 13.96 19.70 -17.47
N PHE A 226 13.04 20.39 -18.17
CA PHE A 226 12.65 21.74 -17.72
C PHE A 226 11.90 21.61 -16.40
N VAL A 227 11.00 20.62 -16.28
CA VAL A 227 10.28 20.44 -15.03
C VAL A 227 11.24 20.19 -13.87
N SER A 228 12.19 19.27 -14.04
CA SER A 228 13.08 19.01 -12.91
C SER A 228 13.97 20.22 -12.63
N HIS A 229 14.36 20.96 -13.66
CA HIS A 229 15.12 22.19 -13.48
C HIS A 229 14.35 23.18 -12.59
N PHE A 230 13.06 23.37 -12.88
CA PHE A 230 12.26 24.31 -12.09
C PHE A 230 12.08 23.83 -10.64
N VAL A 231 11.84 22.54 -10.45
CA VAL A 231 11.72 21.98 -9.11
C VAL A 231 13.03 22.15 -8.32
N GLU A 232 14.14 21.92 -9.00
CA GLU A 232 15.45 21.94 -8.36
C GLU A 232 15.80 23.38 -7.95
N GLN A 233 15.51 24.37 -8.78
CA GLN A 233 16.01 25.74 -8.48
C GLN A 233 15.10 26.47 -7.51
N GLN A 234 13.77 26.23 -7.56
CA GLN A 234 12.82 26.99 -6.72
C GLN A 234 13.13 28.49 -6.89
N ALA A 235 13.22 28.91 -8.14
CA ALA A 235 13.63 30.26 -8.45
C ALA A 235 12.49 31.25 -8.25
N PRO A 236 12.80 32.43 -7.70
CA PRO A 236 11.77 33.45 -7.56
C PRO A 236 11.40 33.94 -8.93
N VAL A 237 10.12 34.17 -9.15
CA VAL A 237 9.68 34.67 -10.43
C VAL A 237 9.72 36.19 -10.33
N ARG A 238 10.54 36.82 -11.17
CA ARG A 238 10.83 38.24 -11.02
C ARG A 238 10.24 39.09 -12.12
N GLY A 239 9.38 38.51 -12.91
CA GLY A 239 8.69 39.26 -13.93
C GLY A 239 7.47 38.48 -14.40
N GLU A 240 6.73 39.05 -15.35
CA GLU A 240 5.49 38.44 -15.81
C GLU A 240 5.72 37.30 -16.81
N ALA A 241 6.88 37.31 -17.45
CA ALA A 241 7.27 36.26 -18.40
C ALA A 241 8.78 36.24 -18.52
N ALA A 242 9.34 35.10 -18.90
CA ALA A 242 10.76 35.00 -19.17
C ALA A 242 11.01 34.91 -20.67
N LEU A 243 11.76 35.87 -21.21
CA LEU A 243 12.17 35.83 -22.60
C LEU A 243 13.33 34.86 -22.77
N LEU A 244 13.13 33.88 -23.66
CA LEU A 244 14.18 32.94 -24.03
C LEU A 244 14.63 33.14 -25.47
N HIS A 245 15.89 32.82 -25.72
CA HIS A 245 16.38 32.69 -27.08
C HIS A 245 16.64 31.22 -27.35
N TYR A 246 16.34 30.78 -28.57
CA TYR A 246 16.65 29.43 -28.99
C TYR A 246 17.90 29.52 -29.86
N VAL A 247 19.00 28.99 -29.34
CA VAL A 247 20.32 29.28 -29.90
C VAL A 247 20.91 28.03 -30.55
N ASP A 248 21.48 28.18 -31.76
CA ASP A 248 22.20 27.07 -32.38
C ASP A 248 23.51 26.87 -31.60
N PRO A 249 23.75 25.65 -31.06
CA PRO A 249 24.92 25.47 -30.19
C PRO A 249 26.22 25.35 -30.95
N ASP A 250 26.14 25.21 -32.25
CA ASP A 250 27.36 25.08 -33.02
C ASP A 250 27.82 26.43 -33.57
N THR A 251 26.88 27.25 -34.01
CA THR A 251 27.21 28.59 -34.54
C THR A 251 26.92 29.75 -33.57
N HIS A 252 26.20 29.45 -32.50
CA HIS A 252 25.86 30.42 -31.47
C HIS A 252 24.92 31.52 -31.92
N ARG A 253 24.24 31.28 -33.03
CA ARG A 253 23.30 32.25 -33.55
C ARG A 253 21.93 32.09 -32.92
N ASN A 254 21.26 33.22 -32.66
CA ASN A 254 19.90 33.21 -32.13
C ASN A 254 18.91 32.85 -33.25
N LEU A 255 18.20 31.74 -33.07
CA LEU A 255 17.28 31.28 -34.09
C LEU A 255 15.84 31.76 -33.87
N GLY A 256 15.56 32.33 -32.71
CA GLY A 256 14.22 32.84 -32.47
C GLY A 256 13.94 33.14 -31.02
N GLU A 257 12.99 34.04 -30.78
CA GLU A 257 12.54 34.41 -29.43
C GLU A 257 11.32 33.61 -29.02
N PHE A 258 11.31 33.22 -27.76
CA PHE A 258 10.22 32.47 -27.15
C PHE A 258 9.89 33.09 -25.78
N LYS A 259 8.64 32.95 -25.33
CA LYS A 259 8.28 33.39 -23.99
C LYS A 259 7.90 32.20 -23.11
N LEU A 260 8.50 32.15 -21.93
CA LEU A 260 8.20 31.15 -20.92
C LEU A 260 7.36 31.82 -19.82
N TYR A 261 6.12 31.37 -19.67
CA TYR A 261 5.17 31.98 -18.73
C TYR A 261 5.27 31.34 -17.35
N PRO A 262 4.99 32.11 -16.27
CA PRO A 262 5.04 31.60 -14.90
C PRO A 262 4.24 30.32 -14.66
N ASP A 263 3.10 30.16 -15.33
CA ASP A 263 2.30 28.95 -15.13
C ASP A 263 2.95 27.70 -15.74
N GLY A 264 4.02 27.88 -16.51
CA GLY A 264 4.83 26.77 -16.99
C GLY A 264 4.48 26.29 -18.39
N PHE A 265 4.54 27.18 -19.38
CA PHE A 265 4.39 26.78 -20.78
C PHE A 265 5.13 27.81 -21.62
N ILE A 266 5.37 27.49 -22.88
CA ILE A 266 6.19 28.32 -23.75
C ILE A 266 5.39 28.71 -24.98
N THR A 267 5.54 29.95 -25.42
CA THR A 267 4.90 30.40 -26.65
C THR A 267 5.90 31.00 -27.62
N CYS A 268 5.44 31.16 -28.85
CA CYS A 268 6.16 31.93 -29.85
C CYS A 268 5.09 32.63 -30.67
N VAL A 269 5.51 33.49 -31.59
CA VAL A 269 4.61 33.94 -32.65
C VAL A 269 5.12 33.26 -33.91
N PRO A 270 4.35 32.31 -34.44
CA PRO A 270 4.81 31.58 -35.62
C PRO A 270 4.67 32.41 -36.89
N ASN A 271 5.70 32.33 -37.73
CA ASN A 271 5.62 32.90 -39.06
C ASN A 271 4.45 32.30 -39.81
N THR A 272 3.82 33.13 -40.66
CA THR A 272 2.68 32.68 -41.41
C THR A 272 3.05 31.49 -42.28
N GLY A 273 2.28 30.41 -42.20
CA GLY A 273 2.58 29.23 -42.98
C GLY A 273 3.66 28.35 -42.36
N GLY A 274 4.25 28.80 -41.26
CA GLY A 274 5.37 28.11 -40.66
C GLY A 274 5.31 28.08 -39.14
N GLY A 275 6.47 28.22 -38.50
CA GLY A 275 6.55 28.16 -37.05
C GLY A 275 7.73 27.35 -36.60
N PRO A 276 7.78 27.01 -35.31
CA PRO A 276 8.99 26.36 -34.78
C PRO A 276 9.24 24.96 -35.35
N GLN A 277 8.25 24.37 -36.00
CA GLN A 277 8.46 23.12 -36.71
C GLN A 277 9.49 23.26 -37.84
N ASN A 278 9.77 24.49 -38.27
CA ASN A 278 10.79 24.69 -39.30
C ASN A 278 12.17 25.01 -38.75
N LEU A 279 12.29 25.04 -37.43
CA LEU A 279 13.59 25.31 -36.84
C LEU A 279 14.37 24.01 -36.70
N PRO A 280 15.71 24.11 -36.64
CA PRO A 280 16.50 22.93 -36.33
C PRO A 280 16.11 22.42 -34.96
N THR A 281 16.32 21.13 -34.73
CA THR A 281 15.86 20.51 -33.51
C THR A 281 16.99 20.29 -32.49
N ASN A 282 18.13 20.92 -32.71
CA ASN A 282 19.29 20.77 -31.82
C ASN A 282 19.70 22.06 -31.12
N GLY A 283 18.80 23.03 -31.07
CA GLY A 283 19.07 24.30 -30.42
C GLY A 283 18.92 24.20 -28.91
N VAL A 284 19.45 25.21 -28.23
CA VAL A 284 19.43 25.28 -26.78
C VAL A 284 18.66 26.53 -26.38
N PHE A 285 17.67 26.37 -25.50
CA PHE A 285 16.99 27.54 -24.99
C PHE A 285 17.86 28.20 -23.93
N VAL A 286 17.90 29.52 -23.97
CA VAL A 286 18.71 30.31 -23.04
C VAL A 286 17.88 31.48 -22.48
N PHE A 287 17.85 31.61 -21.16
CA PHE A 287 17.16 32.75 -20.54
C PHE A 287 17.84 34.06 -20.93
N SER A 288 17.06 35.04 -21.37
CA SER A 288 17.57 36.36 -21.74
C SER A 288 17.22 37.44 -20.73
N SER A 289 15.93 37.55 -20.43
CA SER A 289 15.49 38.59 -19.54
C SER A 289 14.11 38.32 -18.99
N TRP A 290 13.80 38.91 -17.83
CA TRP A 290 12.42 39.00 -17.39
C TRP A 290 11.78 40.13 -18.17
N VAL A 291 10.56 39.87 -18.65
CA VAL A 291 9.80 40.82 -19.46
C VAL A 291 8.31 40.88 -19.10
N SER A 292 7.64 41.87 -19.66
CA SER A 292 6.21 42.05 -19.47
C SER A 292 5.47 40.91 -20.15
N ARG A 293 4.28 40.59 -19.64
CA ARG A 293 3.46 39.54 -20.23
C ARG A 293 3.12 39.86 -21.69
N TYR A 294 3.18 41.14 -22.04
CA TYR A 294 2.89 41.59 -23.39
C TYR A 294 4.12 41.96 -24.22
N TYR A 295 5.29 41.50 -23.79
CA TYR A 295 6.48 41.61 -24.62
C TYR A 295 6.13 41.04 -26.00
N GLN A 296 6.40 41.83 -27.02
CA GLN A 296 6.05 41.53 -28.39
C GLN A 296 7.16 40.74 -29.08
N LEU A 297 6.89 39.48 -29.41
CA LEU A 297 7.88 38.58 -30.03
C LEU A 297 8.05 38.77 -31.54
N LYS A 298 9.27 38.63 -32.06
CA LYS A 298 9.49 38.51 -33.51
C LYS A 298 9.05 37.12 -33.96
N PRO A 299 8.31 37.03 -35.08
CA PRO A 299 7.84 35.72 -35.54
C PRO A 299 8.98 34.76 -35.91
N VAL A 300 8.76 33.46 -35.71
CA VAL A 300 9.80 32.45 -35.90
C VAL A 300 9.41 31.42 -36.97
N GLN B 6 30.54 27.83 -8.05
CA GLN B 6 30.90 26.72 -7.17
C GLN B 6 30.17 25.49 -7.66
N LEU B 7 30.80 24.34 -7.46
CA LEU B 7 30.20 23.07 -7.78
C LEU B 7 28.91 22.89 -7.01
N THR B 8 27.89 22.40 -7.69
CA THR B 8 26.69 21.95 -7.01
C THR B 8 26.35 20.56 -7.49
N VAL B 9 25.50 19.88 -6.72
CA VAL B 9 24.85 18.67 -7.18
C VAL B 9 23.34 18.91 -7.18
N PRO B 10 22.57 18.10 -7.92
CA PRO B 10 21.11 18.35 -8.03
C PRO B 10 20.40 18.41 -6.68
N ASN B 11 19.58 19.44 -6.49
CA ASN B 11 18.70 19.57 -5.34
C ASN B 11 17.42 18.75 -5.56
N ILE B 12 17.59 17.42 -5.61
CA ILE B 12 16.53 16.46 -5.88
C ILE B 12 16.75 15.28 -4.95
N PRO B 13 15.70 14.85 -4.22
CA PRO B 13 15.86 13.72 -3.31
C PRO B 13 16.16 12.41 -4.07
N LEU B 14 16.83 11.51 -3.37
CA LEU B 14 17.31 10.26 -3.97
C LEU B 14 16.19 9.52 -4.71
N ASN B 15 14.99 9.49 -4.11
CA ASN B 15 13.90 8.73 -4.70
C ASN B 15 13.30 9.37 -5.96
N ASN B 16 13.71 10.59 -6.26
CA ASN B 16 13.31 11.22 -7.52
C ASN B 16 14.43 11.23 -8.56
N LEU B 17 15.48 10.46 -8.31
CA LEU B 17 16.59 10.33 -9.26
C LEU B 17 16.53 9.00 -10.00
N ALA B 18 16.88 9.04 -11.29
CA ALA B 18 16.84 7.85 -12.15
C ALA B 18 18.15 7.06 -12.17
N ASN B 19 18.02 5.75 -12.35
CA ASN B 19 19.17 4.93 -12.62
C ASN B 19 19.76 5.33 -13.97
N SER B 20 21.09 5.26 -14.07
CA SER B 20 21.77 5.61 -15.31
C SER B 20 22.12 4.38 -16.17
N ARG B 21 21.77 3.17 -15.71
CA ARG B 21 22.04 1.97 -16.49
C ARG B 21 20.77 1.20 -16.91
N VAL B 22 19.66 1.48 -16.25
CA VAL B 22 18.36 0.96 -16.69
C VAL B 22 17.31 2.04 -16.50
N PRO B 23 16.21 1.97 -17.27
CA PRO B 23 15.16 2.98 -17.10
C PRO B 23 14.29 2.65 -15.88
N ALA B 24 14.70 3.19 -14.74
CA ALA B 24 14.10 2.87 -13.46
C ALA B 24 14.52 3.96 -12.51
N MET B 25 13.79 4.10 -11.41
CA MET B 25 14.15 5.05 -10.37
C MET B 25 15.05 4.38 -9.34
N ILE B 26 15.88 5.17 -8.69
CA ILE B 26 16.73 4.65 -7.65
C ILE B 26 15.90 4.40 -6.39
N ASN B 27 16.03 3.21 -5.81
CA ASN B 27 15.32 3.02 -4.55
C ASN B 27 16.16 2.72 -3.33
N LYS B 28 17.48 2.61 -3.50
CA LYS B 28 18.37 2.55 -2.35
C LYS B 28 19.82 2.70 -2.74
N MET B 29 20.68 2.94 -1.75
CA MET B 29 22.11 2.97 -1.98
C MET B 29 22.67 1.73 -1.33
N THR B 30 23.77 1.23 -1.86
CA THR B 30 24.44 0.14 -1.16
C THR B 30 25.91 0.19 -1.42
N VAL B 31 26.66 -0.64 -0.72
CA VAL B 31 28.07 -0.84 -1.03
C VAL B 31 28.26 -2.29 -1.46
N SER B 32 29.31 -2.56 -2.23
CA SER B 32 29.56 -3.92 -2.70
C SER B 32 30.02 -4.84 -1.54
N THR B 33 29.62 -6.12 -1.62
CA THR B 33 29.96 -7.07 -0.56
C THR B 33 31.44 -7.17 -0.36
N ASP B 34 32.14 -7.25 -1.48
CA ASP B 34 33.58 -7.11 -1.50
C ASP B 34 33.84 -5.66 -1.78
N GLN B 35 34.30 -4.93 -0.78
CA GLN B 35 34.48 -3.51 -0.95
C GLN B 35 35.68 -3.14 -1.80
N ASN B 36 36.48 -4.13 -2.22
CA ASN B 36 37.52 -3.90 -3.22
C ASN B 36 37.09 -4.18 -4.65
N GLN B 37 35.84 -4.55 -4.87
CA GLN B 37 35.37 -4.87 -6.21
C GLN B 37 35.50 -3.69 -7.18
N VAL B 38 36.05 -3.96 -8.36
CA VAL B 38 36.26 -2.96 -9.40
C VAL B 38 35.10 -3.04 -10.39
N VAL B 39 34.58 -1.88 -10.81
CA VAL B 39 33.54 -1.88 -11.82
C VAL B 39 33.98 -1.09 -13.04
N GLN B 40 33.30 -1.29 -14.16
CA GLN B 40 33.67 -0.59 -15.37
C GLN B 40 32.43 -0.26 -16.21
N PHE B 41 31.38 0.18 -15.53
CA PHE B 41 30.15 0.53 -16.20
C PHE B 41 30.43 1.52 -17.32
N GLN B 42 29.70 1.41 -18.43
CA GLN B 42 29.88 2.30 -19.57
C GLN B 42 28.82 3.39 -19.63
N ASN B 43 27.69 3.16 -18.96
CA ASN B 43 26.69 4.21 -18.78
C ASN B 43 26.76 4.77 -17.37
N GLY B 44 26.21 5.96 -17.16
CA GLY B 44 26.32 6.61 -15.87
C GLY B 44 27.72 7.17 -15.60
N ARG B 45 28.49 7.39 -16.66
CA ARG B 45 29.89 7.83 -16.51
C ARG B 45 30.07 9.25 -17.04
N CYS B 46 30.54 10.12 -16.14
CA CYS B 46 30.71 11.52 -16.46
C CYS B 46 31.64 12.10 -15.43
N THR B 47 32.60 12.90 -15.86
CA THR B 47 33.47 13.57 -14.90
C THR B 47 32.75 14.75 -14.26
N LEU B 48 33.27 15.23 -13.13
CA LEU B 48 32.63 16.36 -12.45
C LEU B 48 32.59 17.61 -13.32
N GLU B 49 33.58 17.74 -14.19
CA GLU B 49 33.62 18.86 -15.13
C GLU B 49 32.65 18.73 -16.29
N GLY B 50 31.97 17.59 -16.40
CA GLY B 50 30.94 17.45 -17.40
C GLY B 50 31.38 16.75 -18.67
N GLN B 51 32.45 15.96 -18.59
CA GLN B 51 32.89 15.14 -19.72
C GLN B 51 32.22 13.78 -19.68
N LEU B 52 31.32 13.52 -20.64
CA LEU B 52 30.68 12.20 -20.77
C LEU B 52 31.70 11.15 -21.17
N LEU B 53 31.58 9.96 -20.58
CA LEU B 53 32.47 8.85 -20.89
C LEU B 53 31.68 7.63 -21.30
N GLY B 54 32.33 6.71 -22.01
CA GLY B 54 31.69 5.47 -22.43
C GLY B 54 30.53 5.73 -23.37
N THR B 55 29.40 5.04 -23.15
CA THR B 55 28.22 5.25 -23.97
C THR B 55 27.19 6.17 -23.30
N THR B 56 27.60 6.84 -22.21
CA THR B 56 26.66 7.60 -21.40
C THR B 56 25.95 8.70 -22.18
N PRO B 57 24.59 8.68 -22.17
CA PRO B 57 23.81 9.75 -22.78
C PRO B 57 23.43 10.80 -21.74
N VAL B 58 22.75 11.85 -22.17
CA VAL B 58 22.38 12.94 -21.26
C VAL B 58 21.04 12.71 -20.52
N SER B 59 20.04 12.17 -21.22
CA SER B 59 18.70 12.06 -20.65
C SER B 59 18.42 10.66 -20.12
N ALA B 60 17.62 10.60 -19.04
CA ALA B 60 17.15 9.34 -18.51
C ALA B 60 16.35 8.54 -19.53
N SER B 61 15.73 9.22 -20.51
CA SER B 61 15.00 8.49 -21.53
C SER B 61 15.84 8.06 -22.74
N GLN B 62 17.18 8.16 -22.61
CA GLN B 62 18.12 7.54 -23.55
C GLN B 62 18.82 6.31 -22.94
N VAL B 63 18.59 6.05 -21.66
CA VAL B 63 19.31 5.00 -20.93
C VAL B 63 18.82 3.60 -21.32
N ALA B 64 19.75 2.76 -21.78
CA ALA B 64 19.46 1.37 -22.15
C ALA B 64 18.44 1.23 -23.27
N ARG B 65 18.60 2.04 -24.30
CA ARG B 65 17.78 1.90 -25.50
CA ARG B 65 17.85 2.21 -25.54
C ARG B 65 18.63 1.76 -26.75
N ILE B 66 17.99 1.05 -27.69
CA ILE B 66 18.66 0.63 -28.90
C ILE B 66 17.84 1.06 -30.11
N ARG B 67 18.52 1.49 -31.17
CA ARG B 67 17.84 1.77 -32.45
C ARG B 67 18.68 1.26 -33.61
N GLY B 68 18.03 0.73 -34.64
CA GLY B 68 18.77 0.32 -35.82
C GLY B 68 17.84 -0.15 -36.91
N LYS B 69 18.42 -0.47 -38.08
CA LYS B 69 17.62 -0.96 -39.20
C LYS B 69 17.74 -2.47 -39.26
N VAL B 70 16.59 -3.12 -39.37
CA VAL B 70 16.58 -4.56 -39.42
C VAL B 70 17.24 -5.06 -40.70
N PHE B 71 18.06 -6.08 -40.56
CA PHE B 71 18.52 -6.81 -41.72
C PHE B 71 18.04 -8.25 -41.47
N SER B 72 17.50 -8.87 -42.51
CA SER B 72 17.00 -10.23 -42.42
C SER B 72 17.20 -10.98 -43.73
N LYS B 77 18.62 -12.79 -38.41
CA LYS B 77 18.32 -11.37 -38.50
C LYS B 77 19.10 -10.55 -37.48
N GLY B 78 19.27 -9.26 -37.76
CA GLY B 78 20.00 -8.39 -36.88
C GLY B 78 19.58 -6.94 -37.03
N LEU B 79 20.25 -6.07 -36.30
CA LEU B 79 20.09 -4.63 -36.47
C LEU B 79 21.42 -4.03 -36.89
N ASN B 80 21.38 -3.21 -37.92
CA ASN B 80 22.47 -2.32 -38.22
C ASN B 80 22.20 -1.05 -37.41
N LEU B 81 22.97 -0.89 -36.34
CA LEU B 81 22.69 0.12 -35.31
C LEU B 81 22.85 1.52 -35.83
N THR B 82 22.01 2.41 -35.32
CA THR B 82 22.15 3.85 -35.47
C THR B 82 22.17 4.50 -34.09
N GLU B 83 22.42 5.81 -34.04
CA GLU B 83 22.16 6.53 -32.79
C GLU B 83 20.66 6.54 -32.56
N LEU B 84 20.27 6.89 -31.33
CA LEU B 84 18.87 6.81 -30.94
C LEU B 84 17.98 7.79 -31.70
N ASP B 85 18.58 8.83 -32.27
CA ASP B 85 17.84 9.77 -33.10
C ASP B 85 17.81 9.36 -34.60
N GLY B 86 18.34 8.18 -34.91
CA GLY B 86 18.32 7.65 -36.27
C GLY B 86 19.53 8.05 -37.09
N THR B 87 20.37 8.92 -36.55
CA THR B 87 21.54 9.37 -37.30
C THR B 87 22.63 8.30 -37.24
N PRO B 88 23.58 8.32 -38.18
CA PRO B 88 24.53 7.21 -38.28
C PRO B 88 25.39 7.00 -37.04
N TYR B 89 25.55 5.73 -36.67
CA TYR B 89 26.57 5.33 -35.71
C TYR B 89 27.85 5.10 -36.47
N HIS B 90 28.90 5.77 -36.02
CA HIS B 90 30.25 5.60 -36.57
C HIS B 90 31.14 4.77 -35.65
N ALA B 91 31.59 3.61 -36.12
CA ALA B 91 32.45 2.72 -35.35
C ALA B 91 33.79 3.35 -34.89
N SER B 94 33.44 5.40 -29.63
CA SER B 94 32.70 4.97 -28.45
C SER B 94 32.40 3.49 -28.55
N PRO B 95 32.17 2.82 -27.41
CA PRO B 95 31.96 1.37 -27.47
C PRO B 95 30.74 0.95 -28.27
N ALA B 96 29.74 1.83 -28.38
CA ALA B 96 28.46 1.51 -28.99
C ALA B 96 27.73 2.83 -29.13
N PRO B 97 26.53 2.83 -29.74
CA PRO B 97 25.76 4.07 -29.78
C PRO B 97 25.49 4.62 -28.38
N LEU B 98 25.35 5.93 -28.25
CA LEU B 98 25.04 6.50 -26.94
C LEU B 98 23.72 5.90 -26.41
N GLY B 99 23.74 5.57 -25.13
CA GLY B 99 22.60 4.97 -24.46
C GLY B 99 22.47 3.47 -24.57
N PHE B 100 23.28 2.84 -25.43
CA PHE B 100 23.22 1.39 -25.64
C PHE B 100 23.40 0.69 -24.30
N PRO B 101 22.61 -0.37 -24.04
CA PRO B 101 22.74 -1.00 -22.71
C PRO B 101 24.15 -1.53 -22.41
N ASP B 102 24.49 -1.54 -21.14
CA ASP B 102 25.80 -2.02 -20.70
C ASP B 102 25.69 -3.11 -19.63
N ILE B 103 24.59 -3.87 -19.67
CA ILE B 103 24.40 -4.97 -18.72
C ILE B 103 25.04 -6.23 -19.32
N GLY B 104 26.20 -6.58 -18.81
CA GLY B 104 26.96 -7.61 -19.48
C GLY B 104 26.59 -9.06 -19.21
N ALA B 105 27.05 -9.93 -20.10
CA ALA B 105 27.06 -11.37 -19.90
C ALA B 105 25.68 -11.91 -19.57
N CYS B 106 24.69 -11.57 -20.41
CA CYS B 106 23.34 -12.07 -20.27
C CYS B 106 22.61 -11.92 -21.61
N ASP B 107 21.50 -12.61 -21.78
CA ASP B 107 20.62 -12.32 -22.91
C ASP B 107 19.82 -11.06 -22.59
N TRP B 108 19.55 -10.27 -23.62
CA TRP B 108 18.69 -9.09 -23.53
C TRP B 108 17.39 -9.36 -24.27
N HIS B 109 16.32 -8.73 -23.78
CA HIS B 109 15.03 -8.81 -24.42
C HIS B 109 14.55 -7.38 -24.55
N VAL B 110 14.51 -6.90 -25.80
CA VAL B 110 14.39 -5.48 -26.08
C VAL B 110 13.09 -5.26 -26.82
N SER B 111 12.25 -4.38 -26.28
CA SER B 111 10.94 -4.13 -26.88
C SER B 111 11.00 -2.92 -27.81
N THR B 112 10.76 -3.15 -29.11
CA THR B 112 10.91 -2.11 -30.11
C THR B 112 9.63 -1.88 -30.92
N PHE B 113 9.55 -0.71 -31.54
CA PHE B 113 8.51 -0.43 -32.51
C PHE B 113 9.12 0.16 -33.77
N LYS B 114 8.38 0.08 -34.87
CA LYS B 114 8.83 0.65 -36.13
C LYS B 114 8.51 2.14 -36.14
N VAL B 115 9.55 2.95 -36.31
CA VAL B 115 9.40 4.38 -36.10
C VAL B 115 8.61 5.10 -37.18
N ASP B 116 8.79 4.75 -38.43
CA ASP B 116 8.12 5.53 -39.45
C ASP B 116 6.88 4.85 -39.97
N GLN B 117 6.17 4.12 -39.13
CA GLN B 117 5.14 3.26 -39.67
C GLN B 117 3.72 3.60 -39.25
N ASN B 118 2.82 3.57 -40.22
CA ASN B 118 1.42 3.60 -39.85
C ASN B 118 1.16 2.25 -39.23
N LEU B 119 0.92 2.26 -37.92
CA LEU B 119 0.92 1.05 -37.18
C LEU B 119 -0.47 0.39 -37.14
N SER B 120 -0.46 -0.94 -37.16
CA SER B 120 -1.68 -1.75 -37.02
C SER B 120 -1.46 -2.94 -36.09
N GLY B 121 -2.55 -3.49 -35.59
CA GLY B 121 -2.41 -4.67 -34.78
C GLY B 121 -1.58 -4.40 -33.55
N ASP B 122 -0.67 -5.31 -33.27
CA ASP B 122 0.26 -5.14 -32.18
C ASP B 122 1.56 -4.56 -32.72
N PRO B 123 1.92 -3.34 -32.31
CA PRO B 123 3.07 -2.67 -32.91
C PRO B 123 4.41 -3.10 -32.33
N MET B 124 4.43 -3.91 -31.26
CA MET B 124 5.71 -4.17 -30.60
C MET B 124 6.37 -5.44 -31.08
N SER B 125 7.69 -5.40 -31.15
CA SER B 125 8.47 -6.61 -31.38
C SER B 125 9.40 -6.78 -30.19
N ARG B 126 9.60 -8.00 -29.74
CA ARG B 126 10.60 -8.24 -28.72
C ARG B 126 11.82 -8.88 -29.39
N LEU B 127 12.96 -8.22 -29.30
CA LEU B 127 14.20 -8.70 -29.90
C LEU B 127 15.00 -9.42 -28.81
N ASP B 128 15.28 -10.70 -29.03
CA ASP B 128 15.99 -11.51 -28.05
C ASP B 128 17.42 -11.58 -28.53
N VAL B 129 18.30 -11.00 -27.72
CA VAL B 129 19.67 -10.76 -28.13
C VAL B 129 20.63 -11.54 -27.26
N LYS B 130 21.53 -12.30 -27.86
CA LYS B 130 22.56 -13.01 -27.11
C LYS B 130 23.88 -12.28 -27.19
N GLN B 131 24.63 -12.29 -26.10
CA GLN B 131 25.97 -11.73 -26.11
C GLN B 131 27.01 -12.81 -26.46
N ASN B 132 26.90 -13.36 -27.67
CA ASN B 132 27.84 -14.35 -28.22
C ASN B 132 28.54 -13.74 -29.46
N ALA B 133 29.06 -14.54 -30.40
CA ALA B 133 29.97 -13.98 -31.43
C ALA B 133 29.45 -12.83 -32.31
N PRO B 134 28.21 -12.94 -32.84
CA PRO B 134 27.70 -11.83 -33.65
C PRO B 134 27.34 -10.57 -32.88
N PHE B 135 27.56 -10.57 -31.56
CA PHE B 135 27.27 -9.41 -30.74
C PHE B 135 28.47 -8.50 -30.91
N ALA B 136 28.35 -7.54 -31.82
CA ALA B 136 29.50 -6.69 -32.16
C ALA B 136 29.05 -5.26 -32.25
N PRO B 137 28.49 -4.72 -31.15
CA PRO B 137 27.93 -3.39 -31.26
C PRO B 137 28.96 -2.35 -31.62
N HIS B 138 30.21 -2.56 -31.21
CA HIS B 138 31.23 -1.58 -31.55
C HIS B 138 31.40 -1.49 -33.06
N LEU B 139 31.25 -2.64 -33.74
CA LEU B 139 31.37 -2.65 -35.19
C LEU B 139 30.08 -2.22 -35.89
N GLY B 140 29.01 -2.06 -35.10
CA GLY B 140 27.78 -1.47 -35.59
C GLY B 140 26.64 -2.43 -35.85
N SER B 141 26.75 -3.68 -35.42
CA SER B 141 25.64 -4.61 -35.59
C SER B 141 25.48 -5.57 -34.43
N ILE B 142 24.24 -6.00 -34.22
CA ILE B 142 23.92 -7.10 -33.34
C ILE B 142 22.93 -7.99 -34.04
N GLU B 143 22.87 -9.24 -33.60
CA GLU B 143 21.87 -10.17 -34.10
C GLU B 143 20.78 -10.40 -33.08
N PHE B 144 19.61 -10.82 -33.56
CA PHE B 144 18.53 -11.18 -32.66
C PHE B 144 17.69 -12.28 -33.24
N THR B 145 16.92 -12.91 -32.36
CA THR B 145 15.79 -13.74 -32.77
C THR B 145 14.55 -13.04 -32.24
N SER B 146 13.42 -13.29 -32.88
CA SER B 146 12.15 -12.71 -32.44
C SER B 146 10.99 -13.57 -32.91
N ASP B 147 9.99 -13.65 -32.05
CA ASP B 147 8.75 -14.33 -32.40
C ASP B 147 7.83 -13.42 -33.21
N GLN B 148 8.20 -12.16 -33.33
CA GLN B 148 7.48 -11.24 -34.19
C GLN B 148 8.25 -11.05 -35.50
N ASP B 149 7.81 -10.10 -36.33
CA ASP B 149 8.44 -9.89 -37.63
C ASP B 149 8.82 -8.44 -37.85
N PRO B 150 9.74 -7.92 -37.03
CA PRO B 150 10.15 -6.52 -37.22
C PRO B 150 10.88 -6.24 -38.53
N THR B 151 10.64 -5.08 -39.12
CA THR B 151 11.37 -4.65 -40.31
C THR B 151 11.72 -3.17 -40.18
N GLY B 152 12.65 -2.70 -41.00
CA GLY B 152 12.93 -1.28 -41.05
C GLY B 152 13.54 -0.70 -39.79
N ASP B 153 13.19 0.54 -39.49
CA ASP B 153 13.82 1.34 -38.43
C ASP B 153 13.15 1.03 -37.10
N GLN B 154 13.82 0.26 -36.25
CA GLN B 154 13.25 -0.14 -34.95
C GLN B 154 13.91 0.61 -33.82
N LEU B 155 13.08 1.15 -32.92
CA LEU B 155 13.56 1.86 -31.74
C LEU B 155 12.93 1.24 -30.51
N GLY B 156 13.74 0.99 -29.48
CA GLY B 156 13.18 0.38 -28.30
C GLY B 156 14.05 0.43 -27.08
N THR B 157 13.62 -0.30 -26.06
CA THR B 157 14.16 -0.19 -24.72
C THR B 157 14.40 -1.58 -24.16
N LEU B 158 15.51 -1.75 -23.47
CA LEU B 158 15.77 -3.00 -22.77
C LEU B 158 14.63 -3.23 -21.79
N ALA B 159 13.96 -4.37 -21.92
CA ALA B 159 12.79 -4.69 -21.09
C ALA B 159 13.16 -5.63 -19.95
N TRP B 160 13.99 -6.62 -20.25
CA TRP B 160 14.42 -7.56 -19.22
C TRP B 160 15.63 -8.35 -19.68
N VAL B 161 16.27 -9.03 -18.74
CA VAL B 161 17.45 -9.83 -19.06
C VAL B 161 17.35 -11.23 -18.46
N SER B 162 18.11 -12.16 -19.03
CA SER B 162 18.06 -13.55 -18.59
C SER B 162 19.43 -14.23 -18.80
N PRO B 163 19.64 -15.43 -18.24
CA PRO B 163 20.97 -16.01 -18.33
C PRO B 163 21.40 -16.32 -19.77
N SER B 164 22.69 -16.22 -20.02
CA SER B 164 23.21 -16.53 -21.34
C SER B 164 23.11 -18.00 -21.69
N THR B 165 23.27 -18.86 -20.69
CA THR B 165 23.20 -20.30 -20.86
C THR B 165 22.39 -20.86 -19.72
N SER B 166 21.90 -22.08 -19.89
CA SER B 166 20.98 -22.64 -18.94
C SER B 166 21.65 -22.82 -17.59
N GLY B 167 21.07 -22.27 -16.54
CA GLY B 167 21.66 -22.40 -15.22
C GLY B 167 22.70 -21.34 -14.87
N ALA B 168 23.00 -20.43 -15.78
CA ALA B 168 23.98 -19.40 -15.48
C ALA B 168 23.25 -18.35 -14.62
N ARG B 169 23.97 -17.45 -13.98
CA ARG B 169 23.24 -16.43 -13.23
C ARG B 169 23.53 -15.12 -13.94
N VAL B 170 22.60 -14.20 -13.85
CA VAL B 170 22.84 -12.88 -14.40
C VAL B 170 23.51 -12.06 -13.31
N ASP B 171 24.64 -11.44 -13.67
CA ASP B 171 25.35 -10.52 -12.80
C ASP B 171 25.37 -9.14 -13.46
N PRO B 172 24.50 -8.23 -13.00
CA PRO B 172 24.40 -6.92 -13.65
C PRO B 172 25.53 -5.98 -13.27
N TRP B 173 26.51 -6.44 -12.51
CA TRP B 173 27.72 -5.66 -12.21
C TRP B 173 28.76 -5.81 -13.33
N LYS B 174 28.49 -6.68 -14.28
CA LYS B 174 29.36 -6.91 -15.45
C LYS B 174 28.96 -6.03 -16.61
N ILE B 175 29.91 -5.80 -17.52
CA ILE B 175 29.64 -5.09 -18.75
C ILE B 175 29.87 -5.98 -19.98
N PRO B 176 29.32 -5.57 -21.14
CA PRO B 176 29.51 -6.36 -22.35
C PRO B 176 30.95 -6.34 -22.88
N SER B 177 31.21 -7.30 -23.75
CA SER B 177 32.36 -7.27 -24.62
C SER B 177 31.85 -6.68 -25.93
N TYR B 178 32.25 -5.44 -26.23
CA TYR B 178 31.64 -4.70 -27.33
C TYR B 178 32.24 -5.02 -28.69
N GLY B 179 33.39 -5.66 -28.69
CA GLY B 179 34.09 -5.92 -29.92
C GLY B 179 34.34 -7.39 -30.04
N THR B 186 37.74 -0.95 -27.75
CA THR B 186 36.50 -0.26 -28.06
C THR B 186 36.31 1.06 -27.30
N HIS B 187 37.40 1.76 -26.97
CA HIS B 187 37.35 3.04 -26.24
C HIS B 187 36.44 3.10 -24.99
N LEU B 188 36.62 2.12 -24.14
CA LEU B 188 35.87 2.02 -22.91
C LEU B 188 36.18 3.12 -21.88
N ALA B 189 35.15 3.58 -21.18
CA ALA B 189 35.37 4.33 -19.95
C ALA B 189 36.17 3.41 -19.06
N PRO B 190 37.13 3.95 -18.32
CA PRO B 190 38.11 3.16 -17.57
C PRO B 190 37.50 2.53 -16.31
N PRO B 191 38.18 1.55 -15.73
CA PRO B 191 37.67 0.97 -14.49
C PRO B 191 37.68 2.00 -13.37
N ILE B 192 36.79 1.79 -12.42
CA ILE B 192 36.76 2.54 -11.17
C ILE B 192 37.24 1.64 -10.03
N PHE B 193 38.35 2.04 -9.40
CA PHE B 193 38.94 1.31 -8.27
C PHE B 193 38.53 2.03 -6.97
N PRO B 194 38.06 1.30 -5.95
CA PRO B 194 37.85 1.97 -4.65
C PRO B 194 39.12 2.73 -4.19
N PRO B 195 38.99 4.06 -3.88
CA PRO B 195 40.14 4.96 -3.69
C PRO B 195 40.53 5.14 -2.23
N GLY B 196 41.76 5.58 -1.92
CA GLY B 196 42.03 5.98 -0.54
C GLY B 196 42.12 4.84 0.43
N PHE B 197 41.78 5.12 1.69
CA PHE B 197 41.73 4.12 2.76
C PHE B 197 40.34 3.95 3.41
N GLY B 198 39.84 2.71 3.47
CA GLY B 198 38.57 2.39 4.13
C GLY B 198 37.31 2.88 3.43
N GLU B 199 37.44 3.45 2.24
CA GLU B 199 36.26 3.97 1.51
C GLU B 199 35.59 2.90 0.65
N ALA B 200 34.28 3.01 0.51
CA ALA B 200 33.53 2.08 -0.32
C ALA B 200 32.76 2.89 -1.34
N ILE B 201 32.79 2.43 -2.59
CA ILE B 201 32.04 3.10 -3.65
C ILE B 201 30.55 2.92 -3.36
N VAL B 202 29.80 4.01 -3.52
CA VAL B 202 28.35 3.96 -3.34
C VAL B 202 27.67 3.59 -4.65
N TYR B 203 26.83 2.55 -4.58
CA TYR B 203 26.05 2.11 -5.74
C TYR B 203 24.59 2.45 -5.54
N PHE B 204 24.00 3.04 -6.58
CA PHE B 204 22.60 3.45 -6.57
C PHE B 204 21.82 2.35 -7.29
N MET B 205 20.86 1.78 -6.58
CA MET B 205 20.24 0.52 -6.99
C MET B 205 18.80 0.71 -7.46
N SER B 206 18.41 -0.06 -8.48
CA SER B 206 17.02 -0.07 -8.94
C SER B 206 16.49 -1.45 -9.13
N ASP B 207 15.20 -1.62 -8.87
CA ASP B 207 14.54 -2.85 -9.27
C ASP B 207 14.48 -2.96 -10.79
N PHE B 208 14.65 -4.16 -11.31
CA PHE B 208 14.58 -4.36 -12.76
C PHE B 208 14.36 -5.84 -13.01
N PRO B 209 13.61 -6.18 -14.07
CA PRO B 209 13.34 -7.61 -14.22
C PRO B 209 14.53 -8.43 -14.72
N ILE B 210 15.12 -9.18 -13.78
CA ILE B 210 16.24 -10.04 -14.02
C ILE B 210 15.80 -11.47 -13.75
N VAL B 211 15.80 -12.31 -14.79
CA VAL B 211 15.52 -13.72 -14.59
C VAL B 211 16.80 -14.36 -14.11
N SER B 212 16.73 -15.01 -12.96
CA SER B 212 17.87 -15.70 -12.35
C SER B 212 18.99 -14.76 -12.08
N ALA B 216 18.01 -9.56 -7.11
CA ALA B 216 19.18 -8.71 -7.40
C ALA B 216 18.71 -7.47 -8.15
N GLN B 217 19.37 -6.36 -7.88
CA GLN B 217 18.96 -5.08 -8.41
C GLN B 217 20.06 -4.63 -9.32
N VAL B 218 19.80 -3.59 -10.13
CA VAL B 218 20.84 -3.09 -11.03
C VAL B 218 21.53 -1.88 -10.41
N PRO B 219 22.86 -1.95 -10.26
CA PRO B 219 23.63 -0.84 -9.69
C PRO B 219 24.05 0.19 -10.73
N CYS B 220 24.22 1.44 -10.29
CA CYS B 220 24.96 2.40 -11.10
C CYS B 220 25.78 3.29 -10.18
N THR B 221 26.72 4.04 -10.77
CA THR B 221 27.63 4.83 -9.95
C THR B 221 27.28 6.32 -9.91
N LEU B 222 26.45 6.80 -10.82
CA LEU B 222 25.87 8.14 -10.70
C LEU B 222 24.42 8.10 -11.09
N PRO B 223 23.55 8.76 -10.31
CA PRO B 223 22.18 8.96 -10.79
C PRO B 223 22.20 9.73 -12.11
N GLN B 224 21.26 9.44 -13.00
CA GLN B 224 21.28 10.05 -14.33
C GLN B 224 21.22 11.57 -14.27
N GLU B 225 20.40 12.10 -13.35
CA GLU B 225 20.27 13.56 -13.26
C GLU B 225 21.56 14.20 -12.74
N PHE B 226 22.43 13.44 -12.07
CA PHE B 226 23.75 14.00 -11.75
C PHE B 226 24.58 14.17 -13.03
N VAL B 227 24.53 13.18 -13.92
CA VAL B 227 25.24 13.25 -15.19
C VAL B 227 24.81 14.48 -15.97
N SER B 228 23.50 14.66 -16.15
CA SER B 228 23.09 15.83 -16.93
C SER B 228 23.42 17.13 -16.22
N HIS B 229 23.36 17.14 -14.88
CA HIS B 229 23.74 18.32 -14.12
C HIS B 229 25.20 18.67 -14.40
N PHE B 230 26.08 17.67 -14.38
CA PHE B 230 27.49 17.99 -14.60
C PHE B 230 27.72 18.47 -16.04
N VAL B 231 27.06 17.85 -17.01
CA VAL B 231 27.15 18.25 -18.43
C VAL B 231 26.70 19.70 -18.62
N GLU B 232 25.62 20.06 -17.96
CA GLU B 232 25.10 21.40 -18.11
C GLU B 232 25.96 22.47 -17.45
N GLN B 233 26.50 22.16 -16.28
CA GLN B 233 27.19 23.15 -15.47
C GLN B 233 28.65 23.36 -15.87
N GLN B 234 29.31 22.29 -16.29
CA GLN B 234 30.73 22.36 -16.63
C GLN B 234 31.54 23.07 -15.54
N ALA B 235 31.35 22.67 -14.29
CA ALA B 235 32.00 23.36 -13.17
C ALA B 235 33.45 22.94 -13.10
N PRO B 236 34.35 23.89 -12.82
CA PRO B 236 35.76 23.52 -12.66
C PRO B 236 36.00 22.74 -11.39
N VAL B 237 36.95 21.81 -11.47
CA VAL B 237 37.30 21.00 -10.32
C VAL B 237 38.34 21.79 -9.51
N ARG B 238 38.03 22.05 -8.24
CA ARG B 238 38.86 22.94 -7.40
C ARG B 238 39.53 22.22 -6.25
N GLY B 239 39.46 20.90 -6.24
CA GLY B 239 40.12 20.17 -5.18
C GLY B 239 40.18 18.72 -5.56
N GLU B 240 40.71 17.90 -4.67
CA GLU B 240 40.91 16.51 -4.97
C GLU B 240 39.64 15.68 -4.83
N ALA B 241 38.72 16.15 -4.01
CA ALA B 241 37.42 15.50 -3.84
C ALA B 241 36.44 16.51 -3.29
N ALA B 242 35.16 16.31 -3.56
CA ALA B 242 34.14 17.18 -3.01
C ALA B 242 33.42 16.46 -1.89
N LEU B 243 33.42 17.05 -0.70
CA LEU B 243 32.64 16.51 0.39
C LEU B 243 31.18 16.90 0.19
N LEU B 244 30.30 15.89 0.18
CA LEU B 244 28.85 16.09 0.14
C LEU B 244 28.23 15.70 1.45
N HIS B 245 27.13 16.35 1.82
CA HIS B 245 26.27 15.87 2.89
C HIS B 245 24.99 15.32 2.27
N TYR B 246 24.46 14.28 2.86
CA TYR B 246 23.16 13.74 2.47
C TYR B 246 22.17 14.24 3.53
N VAL B 247 21.25 15.11 3.13
CA VAL B 247 20.48 15.94 4.08
C VAL B 247 18.98 15.59 4.08
N ASP B 248 18.37 15.52 5.25
CA ASP B 248 16.91 15.38 5.37
C ASP B 248 16.31 16.71 4.96
N PRO B 249 15.46 16.73 3.92
CA PRO B 249 15.07 18.05 3.44
C PRO B 249 14.03 18.74 4.31
N ASP B 250 13.51 18.02 5.30
CA ASP B 250 12.53 18.63 6.20
C ASP B 250 13.11 19.12 7.53
N THR B 251 14.01 18.34 8.11
CA THR B 251 14.60 18.73 9.38
C THR B 251 15.92 19.44 9.14
N HIS B 252 16.43 19.28 7.93
CA HIS B 252 17.70 19.85 7.49
C HIS B 252 18.91 19.20 8.18
N ARG B 253 18.72 18.02 8.76
CA ARG B 253 19.79 17.33 9.47
C ARG B 253 20.70 16.60 8.47
N ASN B 254 22.00 16.65 8.68
CA ASN B 254 22.94 15.85 7.89
C ASN B 254 22.91 14.46 8.30
N LEU B 255 22.57 13.60 7.36
CA LEU B 255 22.45 12.19 7.64
C LEU B 255 23.70 11.38 7.31
N GLY B 256 24.67 11.98 6.64
CA GLY B 256 25.88 11.26 6.31
C GLY B 256 26.82 12.04 5.41
N GLU B 257 28.11 11.73 5.54
CA GLU B 257 29.16 12.34 4.71
C GLU B 257 29.55 11.43 3.57
N PHE B 258 29.71 12.01 2.40
CA PHE B 258 30.10 11.28 1.19
C PHE B 258 31.19 12.06 0.46
N LYS B 259 32.02 11.36 -0.33
CA LYS B 259 33.00 12.02 -1.19
C LYS B 259 32.68 11.80 -2.66
N LEU B 260 32.64 12.91 -3.40
CA LEU B 260 32.42 12.87 -4.83
C LEU B 260 33.77 13.14 -5.51
N TYR B 261 34.26 12.16 -6.27
CA TYR B 261 35.56 12.25 -6.92
C TYR B 261 35.47 12.84 -8.33
N PRO B 262 36.52 13.55 -8.77
CA PRO B 262 36.53 14.19 -10.09
C PRO B 262 36.20 13.24 -11.25
N ASP B 263 36.60 11.97 -11.13
CA ASP B 263 36.36 11.00 -12.19
C ASP B 263 34.89 10.60 -12.28
N GLY B 264 34.08 11.03 -11.32
CA GLY B 264 32.63 10.90 -11.40
C GLY B 264 32.06 9.67 -10.71
N PHE B 265 32.35 9.52 -9.43
CA PHE B 265 31.75 8.48 -8.61
C PHE B 265 31.78 8.95 -7.16
N ILE B 266 31.05 8.26 -6.29
CA ILE B 266 30.87 8.69 -4.91
C ILE B 266 31.28 7.58 -3.96
N THR B 267 31.93 7.94 -2.85
CA THR B 267 32.27 6.95 -1.83
C THR B 267 31.70 7.36 -0.48
N CYS B 268 31.68 6.39 0.43
CA CYS B 268 31.41 6.65 1.83
C CYS B 268 32.31 5.74 2.67
N VAL B 269 32.28 5.91 3.98
CA VAL B 269 32.88 4.92 4.87
C VAL B 269 31.72 4.26 5.60
N PRO B 270 31.44 2.99 5.27
CA PRO B 270 30.28 2.38 5.90
C PRO B 270 30.58 1.97 7.35
N ASN B 271 29.65 2.25 8.28
CA ASN B 271 29.76 1.73 9.63
C ASN B 271 29.80 0.24 9.51
N THR B 272 30.59 -0.41 10.35
CA THR B 272 30.68 -1.86 10.30
C THR B 272 29.31 -2.48 10.57
N GLY B 273 28.94 -3.45 9.73
CA GLY B 273 27.65 -4.10 9.84
C GLY B 273 26.58 -3.34 9.09
N GLY B 274 26.93 -2.16 8.57
CA GLY B 274 25.95 -1.31 7.95
C GLY B 274 26.40 -0.57 6.71
N GLY B 275 25.95 0.66 6.59
CA GLY B 275 26.27 1.46 5.43
C GLY B 275 25.08 2.24 4.93
N PRO B 276 25.22 2.82 3.74
CA PRO B 276 24.23 3.76 3.23
C PRO B 276 22.91 3.06 2.88
N GLN B 277 22.92 1.74 2.80
CA GLN B 277 21.68 0.98 2.63
C GLN B 277 20.70 1.18 3.80
N ASN B 278 21.20 1.68 4.93
CA ASN B 278 20.33 1.95 6.09
C ASN B 278 19.77 3.37 6.17
N LEU B 279 20.15 4.22 5.23
CA LEU B 279 19.66 5.61 5.19
C LEU B 279 18.29 5.69 4.56
N PRO B 280 17.49 6.71 4.93
CA PRO B 280 16.24 6.93 4.20
C PRO B 280 16.54 7.33 2.76
N THR B 281 15.58 7.11 1.86
CA THR B 281 15.82 7.35 0.44
C THR B 281 15.20 8.68 -0.02
N ASN B 282 14.85 9.55 0.92
CA ASN B 282 14.24 10.83 0.56
C ASN B 282 15.18 11.98 0.87
N GLY B 283 16.46 11.65 1.07
CA GLY B 283 17.46 12.67 1.36
C GLY B 283 17.99 13.33 0.10
N VAL B 284 18.63 14.48 0.27
CA VAL B 284 19.18 15.25 -0.83
C VAL B 284 20.68 15.43 -0.61
N PHE B 285 21.48 15.14 -1.64
CA PHE B 285 22.91 15.41 -1.57
C PHE B 285 23.14 16.89 -1.77
N VAL B 286 24.05 17.45 -0.97
CA VAL B 286 24.40 18.87 -1.04
C VAL B 286 25.91 19.03 -0.96
N PHE B 287 26.47 19.82 -1.88
CA PHE B 287 27.88 20.12 -1.83
C PHE B 287 28.24 20.87 -0.54
N SER B 288 29.31 20.44 0.12
CA SER B 288 29.75 21.08 1.36
C SER B 288 31.04 21.86 1.17
N SER B 289 32.09 21.17 0.75
CA SER B 289 33.37 21.82 0.54
C SER B 289 34.29 20.93 -0.28
N TRP B 290 35.32 21.54 -0.85
CA TRP B 290 36.41 20.77 -1.44
C TRP B 290 37.32 20.30 -0.34
N VAL B 291 37.74 19.04 -0.43
CA VAL B 291 38.60 18.44 0.58
C VAL B 291 39.74 17.68 -0.07
N SER B 292 40.72 17.35 0.77
CA SER B 292 41.90 16.60 0.38
C SER B 292 41.54 15.17 0.04
N ARG B 293 42.33 14.57 -0.86
CA ARG B 293 41.99 13.28 -1.42
C ARG B 293 41.76 12.28 -0.29
N TYR B 294 42.56 12.38 0.76
CA TYR B 294 42.47 11.41 1.84
C TYR B 294 41.65 11.91 3.04
N TYR B 295 40.79 12.89 2.82
CA TYR B 295 39.86 13.31 3.87
C TYR B 295 39.10 12.09 4.39
N GLN B 296 39.14 11.96 5.70
CA GLN B 296 38.60 10.75 6.30
C GLN B 296 37.16 10.96 6.74
N LEU B 297 36.17 10.28 6.14
CA LEU B 297 34.74 10.48 6.33
C LEU B 297 34.24 9.90 7.64
N LYS B 298 33.21 10.53 8.19
CA LYS B 298 32.48 9.99 9.33
C LYS B 298 31.74 8.76 8.82
N PRO B 299 31.86 7.64 9.55
CA PRO B 299 31.19 6.42 9.07
C PRO B 299 29.67 6.58 9.03
N VAL B 300 29.01 5.94 8.07
CA VAL B 300 27.58 6.15 7.84
C VAL B 300 26.76 4.88 7.98
N GLN C 6 -37.33 -17.93 9.02
CA GLN C 6 -36.89 -16.53 9.10
C GLN C 6 -35.37 -16.43 9.09
N LEU C 7 -34.71 -17.59 9.07
CA LEU C 7 -33.24 -17.63 9.06
C LEU C 7 -32.64 -16.74 7.96
N THR C 8 -31.62 -15.96 8.34
CA THR C 8 -30.77 -15.26 7.40
C THR C 8 -29.34 -15.53 7.82
N VAL C 9 -28.40 -15.20 6.94
CA VAL C 9 -27.00 -15.11 7.33
C VAL C 9 -26.56 -13.67 7.15
N PRO C 10 -25.45 -13.29 7.79
CA PRO C 10 -25.04 -11.89 7.73
C PRO C 10 -24.80 -11.33 6.33
N ASN C 11 -25.35 -10.15 6.08
CA ASN C 11 -25.07 -9.41 4.86
C ASN C 11 -23.72 -8.65 5.01
N ILE C 12 -22.63 -9.42 5.07
CA ILE C 12 -21.28 -8.91 5.27
C ILE C 12 -20.35 -9.74 4.38
N PRO C 13 -19.52 -9.08 3.56
CA PRO C 13 -18.62 -9.80 2.64
C PRO C 13 -17.56 -10.58 3.41
N LEU C 14 -17.06 -11.62 2.75
CA LEU C 14 -16.12 -12.55 3.35
C LEU C 14 -14.95 -11.83 4.04
N ASN C 15 -14.41 -10.81 3.39
CA ASN C 15 -13.23 -10.12 3.91
C ASN C 15 -13.46 -9.23 5.13
N ASN C 16 -14.73 -8.99 5.47
CA ASN C 16 -15.08 -8.25 6.66
C ASN C 16 -15.59 -9.16 7.78
N LEU C 17 -15.35 -10.47 7.66
CA LEU C 17 -15.74 -11.44 8.69
C LEU C 17 -14.52 -11.86 9.51
N ALA C 18 -14.72 -12.05 10.82
CA ALA C 18 -13.64 -12.45 11.73
C ALA C 18 -13.55 -13.97 11.87
N ASN C 19 -12.33 -14.45 12.07
CA ASN C 19 -12.12 -15.84 12.45
C ASN C 19 -12.71 -16.09 13.83
N SER C 20 -13.23 -17.30 14.03
CA SER C 20 -13.83 -17.70 15.29
C SER C 20 -12.87 -18.47 16.20
N ARG C 21 -11.63 -18.69 15.76
CA ARG C 21 -10.65 -19.43 16.59
C ARG C 21 -9.41 -18.62 16.97
N VAL C 22 -9.14 -17.54 16.24
CA VAL C 22 -8.08 -16.59 16.59
C VAL C 22 -8.57 -15.18 16.31
N PRO C 23 -7.98 -14.17 16.98
CA PRO C 23 -8.40 -12.79 16.77
C PRO C 23 -7.78 -12.24 15.47
N ALA C 24 -8.49 -12.46 14.37
CA ALA C 24 -7.98 -12.16 13.05
C ALA C 24 -9.14 -12.10 12.08
N MET C 25 -8.92 -11.47 10.92
CA MET C 25 -9.93 -11.42 9.88
C MET C 25 -9.75 -12.60 8.93
N ILE C 26 -10.87 -13.06 8.36
CA ILE C 26 -10.85 -14.11 7.35
C ILE C 26 -10.33 -13.54 6.03
N ASN C 27 -9.42 -14.26 5.39
CA ASN C 27 -8.86 -13.82 4.11
C ASN C 27 -9.29 -14.67 2.93
N LYS C 28 -9.61 -15.93 3.19
CA LYS C 28 -10.01 -16.85 2.15
C LYS C 28 -10.77 -18.05 2.73
N MET C 29 -11.41 -18.78 1.81
CA MET C 29 -12.05 -20.04 2.12
C MET C 29 -11.23 -21.13 1.48
N THR C 30 -11.30 -22.34 2.04
CA THR C 30 -10.68 -23.47 1.36
C THR C 30 -11.34 -24.75 1.79
N VAL C 31 -10.95 -25.86 1.16
CA VAL C 31 -11.34 -27.18 1.61
C VAL C 31 -10.10 -27.93 2.07
N SER C 32 -10.28 -28.93 2.92
CA SER C 32 -9.13 -29.69 3.40
C SER C 32 -8.56 -30.61 2.29
N THR C 33 -7.24 -30.80 2.28
CA THR C 33 -6.60 -31.65 1.26
C THR C 33 -7.09 -33.10 1.33
N ASP C 34 -7.34 -33.60 2.54
CA ASP C 34 -8.08 -34.85 2.68
C ASP C 34 -9.53 -34.42 2.89
N GLN C 35 -10.40 -34.60 1.88
CA GLN C 35 -11.77 -34.11 2.03
C GLN C 35 -12.61 -34.96 2.96
N ASN C 36 -12.06 -36.07 3.43
CA ASN C 36 -12.75 -36.83 4.45
C ASN C 36 -12.30 -36.49 5.88
N GLN C 37 -11.41 -35.50 6.02
CA GLN C 37 -10.92 -35.15 7.36
C GLN C 37 -12.04 -34.67 8.28
N VAL C 38 -12.06 -35.21 9.50
CA VAL C 38 -13.03 -34.84 10.52
C VAL C 38 -12.34 -33.85 11.45
N VAL C 39 -13.04 -32.78 11.81
CA VAL C 39 -12.50 -31.82 12.76
C VAL C 39 -13.39 -31.74 13.99
N GLN C 40 -12.87 -31.18 15.06
CA GLN C 40 -13.64 -31.07 16.29
C GLN C 40 -13.34 -29.74 17.01
N PHE C 41 -13.27 -28.67 16.24
CA PHE C 41 -12.98 -27.36 16.83
C PHE C 41 -14.00 -27.06 17.94
N GLN C 42 -13.54 -26.40 19.00
CA GLN C 42 -14.41 -26.06 20.13
C GLN C 42 -14.89 -24.61 20.13
N ASN C 43 -14.20 -23.76 19.39
CA ASN C 43 -14.68 -22.41 19.13
C ASN C 43 -15.24 -22.33 17.73
N GLY C 44 -16.04 -21.31 17.48
CA GLY C 44 -16.73 -21.19 16.21
C GLY C 44 -17.87 -22.18 16.03
N ARG C 45 -18.39 -22.71 17.14
CA ARG C 45 -19.40 -23.77 17.08
C ARG C 45 -20.73 -23.24 17.62
N CYS C 46 -21.77 -23.31 16.79
CA CYS C 46 -23.08 -22.79 17.14
C CYS C 46 -24.07 -23.44 16.20
N THR C 47 -25.21 -23.88 16.73
CA THR C 47 -26.26 -24.41 15.86
C THR C 47 -27.01 -23.29 15.15
N LEU C 48 -27.72 -23.62 14.08
CA LEU C 48 -28.48 -22.63 13.33
C LEU C 48 -29.58 -21.98 14.18
N GLU C 49 -30.10 -22.69 15.18
CA GLU C 49 -31.09 -22.14 16.11
C GLU C 49 -30.47 -21.20 17.15
N GLY C 50 -29.14 -21.10 17.16
CA GLY C 50 -28.47 -20.16 18.04
C GLY C 50 -27.98 -20.77 19.35
N GLN C 51 -27.76 -22.07 19.38
CA GLN C 51 -27.20 -22.69 20.58
C GLN C 51 -25.69 -22.74 20.46
N LEU C 52 -24.99 -22.00 21.32
CA LEU C 52 -23.52 -22.07 21.36
C LEU C 52 -23.05 -23.44 21.83
N LEU C 53 -21.97 -23.93 21.23
CA LEU C 53 -21.43 -25.23 21.61
C LEU C 53 -19.95 -25.10 21.99
N GLY C 54 -19.43 -26.07 22.74
CA GLY C 54 -18.04 -26.03 23.12
C GLY C 54 -17.74 -24.82 23.98
N THR C 55 -16.63 -24.14 23.70
CA THR C 55 -16.24 -22.93 24.42
C THR C 55 -16.59 -21.66 23.64
N THR C 56 -17.38 -21.79 22.59
CA THR C 56 -17.64 -20.69 21.66
C THR C 56 -18.32 -19.53 22.38
N PRO C 57 -17.72 -18.31 22.28
CA PRO C 57 -18.33 -17.11 22.84
C PRO C 57 -19.09 -16.37 21.76
N VAL C 58 -19.72 -15.25 22.12
CA VAL C 58 -20.55 -14.50 21.18
C VAL C 58 -19.75 -13.49 20.35
N SER C 59 -18.80 -12.81 20.97
CA SER C 59 -18.10 -11.70 20.32
C SER C 59 -16.74 -12.10 19.80
N ALA C 60 -16.36 -11.51 18.68
CA ALA C 60 -15.02 -11.70 18.13
C ALA C 60 -13.94 -11.26 19.13
N SER C 61 -14.27 -10.36 20.03
CA SER C 61 -13.31 -9.90 21.04
C SER C 61 -13.29 -10.76 22.30
N GLN C 62 -13.95 -11.92 22.24
CA GLN C 62 -13.78 -12.97 23.26
C GLN C 62 -13.00 -14.18 22.73
N VAL C 63 -12.69 -14.17 21.44
CA VAL C 63 -12.09 -15.33 20.80
C VAL C 63 -10.63 -15.52 21.18
N ALA C 64 -10.30 -16.70 21.70
CA ALA C 64 -8.92 -17.05 22.08
C ALA C 64 -8.32 -16.11 23.13
N ARG C 65 -9.11 -15.85 24.17
CA ARG C 65 -8.65 -15.04 25.27
C ARG C 65 -8.70 -15.89 26.54
N ILE C 66 -7.89 -15.48 27.52
CA ILE C 66 -7.76 -16.18 28.80
C ILE C 66 -7.78 -15.15 29.93
N ARG C 67 -8.46 -15.49 31.03
CA ARG C 67 -8.38 -14.67 32.24
C ARG C 67 -8.26 -15.58 33.46
N GLY C 68 -7.47 -15.17 34.44
CA GLY C 68 -7.39 -15.94 35.67
C GLY C 68 -6.54 -15.25 36.70
N LYS C 69 -6.49 -15.82 37.90
CA LYS C 69 -5.68 -15.25 38.98
C LYS C 69 -4.39 -16.01 39.07
N VAL C 70 -3.27 -15.30 39.13
CA VAL C 70 -1.99 -15.95 39.27
C VAL C 70 -1.82 -16.61 40.64
N PHE C 71 -1.31 -17.84 40.66
CA PHE C 71 -0.96 -18.51 41.91
C PHE C 71 0.44 -19.09 41.82
N SER C 72 1.02 -19.36 42.97
CA SER C 72 2.36 -19.92 43.02
C SER C 72 2.38 -21.33 43.61
N THR C 73 3.24 -22.22 43.08
CA THR C 73 3.53 -23.52 43.71
C THR C 73 4.99 -23.57 44.19
N ALA C 74 5.45 -24.68 44.78
CA ALA C 74 6.87 -24.78 45.19
C ALA C 74 7.75 -24.72 43.95
N SER C 75 7.19 -25.25 42.87
CA SER C 75 7.87 -25.44 41.59
C SER C 75 7.53 -24.46 40.46
N GLY C 76 6.57 -23.57 40.66
CA GLY C 76 6.30 -22.53 39.66
C GLY C 76 5.01 -21.73 39.74
N LYS C 77 4.46 -21.36 38.58
CA LYS C 77 3.29 -20.48 38.55
C LYS C 77 2.15 -21.09 37.76
N GLY C 78 0.95 -20.62 38.04
CA GLY C 78 -0.18 -20.96 37.20
C GLY C 78 -1.29 -19.93 37.24
N LEU C 79 -2.35 -20.18 36.47
CA LEU C 79 -3.55 -19.37 36.54
C LEU C 79 -4.72 -20.18 36.96
N ASN C 80 -5.42 -19.68 37.98
CA ASN C 80 -6.72 -20.20 38.33
C ASN C 80 -7.74 -19.46 37.47
N LEU C 81 -8.27 -20.17 36.48
CA LEU C 81 -9.04 -19.51 35.45
C LEU C 81 -10.37 -18.97 35.96
N THR C 82 -10.78 -17.85 35.37
CA THR C 82 -12.14 -17.34 35.51
C THR C 82 -12.76 -17.17 34.11
N GLU C 83 -14.04 -16.82 34.04
CA GLU C 83 -14.58 -16.36 32.78
C GLU C 83 -13.92 -15.03 32.43
N LEU C 84 -14.06 -14.60 31.18
CA LEU C 84 -13.36 -13.40 30.70
C LEU C 84 -13.84 -12.11 31.38
N ASP C 85 -15.05 -12.14 31.95
CA ASP C 85 -15.53 -10.98 32.71
C ASP C 85 -15.09 -11.01 34.19
N GLY C 86 -14.30 -12.01 34.56
CA GLY C 86 -13.79 -12.11 35.92
C GLY C 86 -14.68 -12.91 36.85
N THR C 87 -15.86 -13.31 36.39
CA THR C 87 -16.77 -14.08 37.23
C THR C 87 -16.26 -15.52 37.27
N PRO C 88 -16.65 -16.27 38.33
CA PRO C 88 -16.05 -17.59 38.55
C PRO C 88 -16.30 -18.61 37.41
N TYR C 89 -15.27 -19.39 37.11
CA TYR C 89 -15.45 -20.52 36.20
C TYR C 89 -15.84 -21.75 37.04
N HIS C 90 -16.99 -22.35 36.77
CA HIS C 90 -17.39 -23.58 37.43
C HIS C 90 -17.43 -24.73 36.44
N ALA C 91 -16.59 -25.74 36.62
CA ALA C 91 -16.65 -26.88 35.70
C ALA C 91 -18.05 -27.51 35.71
N PHE C 92 -18.64 -27.62 34.52
CA PHE C 92 -20.00 -28.09 34.41
C PHE C 92 -20.20 -28.77 33.06
N GLU C 93 -20.61 -28.02 32.05
CA GLU C 93 -20.85 -28.64 30.75
C GLU C 93 -20.05 -28.02 29.62
N SER C 94 -18.93 -27.38 29.96
CA SER C 94 -18.06 -26.81 28.94
C SER C 94 -16.62 -27.30 29.07
N PRO C 95 -15.86 -27.34 27.97
CA PRO C 95 -14.46 -27.76 28.07
C PRO C 95 -13.57 -26.80 28.87
N ALA C 96 -13.91 -25.53 28.94
CA ALA C 96 -13.04 -24.51 29.50
C ALA C 96 -13.88 -23.24 29.62
N PRO C 97 -13.31 -22.13 30.16
CA PRO C 97 -14.05 -20.87 30.14
C PRO C 97 -14.44 -20.47 28.71
N LEU C 98 -15.54 -19.75 28.55
CA LEU C 98 -15.92 -19.32 27.21
C LEU C 98 -14.82 -18.48 26.57
N GLY C 99 -14.56 -18.76 25.30
CA GLY C 99 -13.51 -18.08 24.56
C GLY C 99 -12.09 -18.63 24.67
N PHE C 100 -11.89 -19.58 25.58
CA PHE C 100 -10.57 -20.15 25.81
C PHE C 100 -10.03 -20.70 24.49
N PRO C 101 -8.75 -20.48 24.20
CA PRO C 101 -8.26 -20.96 22.89
C PRO C 101 -8.40 -22.48 22.67
N ASP C 102 -8.55 -22.89 21.43
CA ASP C 102 -8.68 -24.30 21.09
C ASP C 102 -7.67 -24.78 20.05
N ILE C 103 -6.49 -24.14 20.03
CA ILE C 103 -5.43 -24.53 19.10
C ILE C 103 -4.62 -25.63 19.79
N GLY C 104 -4.83 -26.87 19.40
CA GLY C 104 -4.28 -27.95 20.18
C GLY C 104 -2.83 -28.31 19.95
N ALA C 105 -2.27 -29.02 20.92
CA ALA C 105 -0.98 -29.72 20.78
C ALA C 105 0.14 -28.78 20.34
N CYS C 106 0.27 -27.68 21.07
CA CYS C 106 1.33 -26.73 20.83
C CYS C 106 1.52 -25.86 22.06
N ASP C 107 2.63 -25.15 22.13
CA ASP C 107 2.82 -24.11 23.13
C ASP C 107 2.03 -22.85 22.73
N TRP C 108 1.46 -22.18 23.74
CA TRP C 108 0.79 -20.89 23.55
C TRP C 108 1.62 -19.79 24.16
N HIS C 109 1.53 -18.61 23.57
CA HIS C 109 2.18 -17.42 24.11
C HIS C 109 1.10 -16.36 24.19
N VAL C 110 0.71 -16.02 25.42
CA VAL C 110 -0.51 -15.27 25.67
C VAL C 110 -0.12 -13.94 26.30
N SER C 111 -0.54 -12.83 25.69
CA SER C 111 -0.15 -11.52 26.20
C SER C 111 -1.23 -10.99 27.14
N THR C 112 -0.90 -10.79 28.40
CA THR C 112 -1.88 -10.39 29.43
C THR C 112 -1.50 -9.09 30.13
N PHE C 113 -2.50 -8.45 30.73
CA PHE C 113 -2.22 -7.32 31.63
C PHE C 113 -2.97 -7.55 32.93
N LYS C 114 -2.52 -6.86 33.99
CA LYS C 114 -3.20 -6.94 35.29
C LYS C 114 -4.40 -6.00 35.31
N VAL C 115 -5.58 -6.54 35.56
CA VAL C 115 -6.78 -5.73 35.55
C VAL C 115 -6.87 -4.92 36.85
N ASN C 118 -3.48 0.35 38.94
CA ASN C 118 -2.75 1.49 38.41
C ASN C 118 -1.45 1.00 37.81
N LEU C 119 -1.35 1.07 36.50
CA LEU C 119 -0.26 0.41 35.82
C LEU C 119 0.92 1.36 35.68
N SER C 120 2.12 0.78 35.77
CA SER C 120 3.34 1.54 35.55
C SER C 120 4.33 0.69 34.77
N GLY C 121 5.31 1.34 34.17
CA GLY C 121 6.33 0.65 33.41
C GLY C 121 5.73 -0.07 32.21
N ASP C 122 6.18 -1.28 31.95
CA ASP C 122 5.62 -2.11 30.88
C ASP C 122 4.52 -2.96 31.51
N PRO C 123 3.26 -2.76 31.09
CA PRO C 123 2.17 -3.44 31.79
C PRO C 123 1.95 -4.87 31.32
N MET C 124 2.64 -5.30 30.27
CA MET C 124 2.31 -6.59 29.67
C MET C 124 3.19 -7.73 30.18
N SER C 125 2.57 -8.90 30.31
CA SER C 125 3.31 -10.12 30.58
C SER C 125 3.01 -11.07 29.45
N ARG C 126 4.00 -11.85 29.03
CA ARG C 126 3.72 -12.90 28.06
C ARG C 126 3.76 -14.21 28.84
N LEU C 127 2.63 -14.92 28.85
CA LEU C 127 2.54 -16.19 29.55
C LEU C 127 2.80 -17.29 28.53
N ASP C 128 3.82 -18.10 28.81
CA ASP C 128 4.20 -19.17 27.92
C ASP C 128 3.63 -20.47 28.50
N VAL C 129 2.70 -21.08 27.76
CA VAL C 129 1.88 -22.18 28.26
C VAL C 129 2.13 -23.44 27.44
N LYS C 130 2.46 -24.54 28.14
CA LYS C 130 2.65 -25.83 27.49
C LYS C 130 1.41 -26.68 27.69
N GLN C 131 1.07 -27.47 26.68
CA GLN C 131 -0.05 -28.39 26.77
C GLN C 131 0.41 -29.77 27.25
N ASN C 132 0.96 -29.78 28.46
CA ASN C 132 1.44 -31.01 29.10
C ASN C 132 0.60 -31.30 30.34
N ALA C 133 1.14 -32.05 31.30
CA ALA C 133 0.27 -32.55 32.36
C ALA C 133 -0.53 -31.51 33.20
N PRO C 134 0.09 -30.38 33.61
CA PRO C 134 -0.69 -29.38 34.37
C PRO C 134 -1.69 -28.54 33.55
N PHE C 135 -1.79 -28.81 32.25
CA PHE C 135 -2.72 -28.08 31.42
C PHE C 135 -4.07 -28.73 31.67
N ALA C 136 -4.86 -28.14 32.56
CA ALA C 136 -6.13 -28.73 33.01
C ALA C 136 -7.25 -27.68 32.98
N PRO C 137 -7.49 -27.10 31.80
CA PRO C 137 -8.46 -26.00 31.77
C PRO C 137 -9.89 -26.42 32.11
N HIS C 138 -10.28 -27.66 31.83
CA HIS C 138 -11.63 -28.08 32.19
C HIS C 138 -11.86 -28.03 33.70
N LEU C 139 -10.84 -28.40 34.47
CA LEU C 139 -10.95 -28.32 35.92
C LEU C 139 -10.64 -26.91 36.43
N GLY C 140 -10.14 -26.05 35.55
CA GLY C 140 -9.98 -24.65 35.88
C GLY C 140 -8.58 -24.09 36.12
N SER C 141 -7.52 -24.79 35.77
CA SER C 141 -6.21 -24.14 35.91
C SER C 141 -5.24 -24.58 34.82
N ILE C 142 -4.28 -23.69 34.54
CA ILE C 142 -3.17 -24.02 33.67
C ILE C 142 -1.90 -23.52 34.31
N GLU C 143 -0.77 -24.07 33.91
CA GLU C 143 0.47 -23.48 34.38
C GLU C 143 1.14 -22.72 33.28
N PHE C 144 2.03 -21.81 33.65
CA PHE C 144 2.77 -21.05 32.67
C PHE C 144 4.17 -20.72 33.20
N THR C 145 5.05 -20.35 32.28
CA THR C 145 6.28 -19.65 32.65
C THR C 145 6.21 -18.28 31.98
N SER C 146 6.95 -17.32 32.52
CA SER C 146 6.98 -15.98 31.95
C SER C 146 8.30 -15.30 32.30
N ASP C 147 8.84 -14.52 31.37
CA ASP C 147 10.04 -13.72 31.64
C ASP C 147 9.66 -12.43 32.38
N GLN C 148 8.37 -12.17 32.50
CA GLN C 148 7.89 -11.04 33.28
C GLN C 148 7.42 -11.55 34.63
N ASP C 149 6.77 -10.69 35.41
CA ASP C 149 6.33 -11.03 36.76
C ASP C 149 4.83 -10.76 36.98
N PRO C 150 3.98 -11.48 36.24
CA PRO C 150 2.55 -11.23 36.41
C PRO C 150 2.03 -11.69 37.78
N THR C 151 1.13 -10.90 38.36
CA THR C 151 0.46 -11.27 39.60
C THR C 151 -1.02 -10.90 39.48
N GLY C 152 -1.82 -11.45 40.38
CA GLY C 152 -3.22 -11.06 40.47
C GLY C 152 -4.05 -11.47 39.26
N ASP C 153 -5.01 -10.62 38.93
CA ASP C 153 -6.03 -10.90 37.91
C ASP C 153 -5.48 -10.50 36.55
N GLN C 154 -5.10 -11.50 35.75
CA GLN C 154 -4.52 -11.27 34.42
C GLN C 154 -5.53 -11.59 33.32
N LEU C 155 -5.69 -10.68 32.35
CA LEU C 155 -6.58 -10.87 31.21
C LEU C 155 -5.77 -10.68 29.95
N GLY C 156 -5.94 -11.57 28.99
CA GLY C 156 -5.17 -11.43 27.78
C GLY C 156 -5.64 -12.26 26.61
N THR C 157 -4.80 -12.26 25.58
CA THR C 157 -5.17 -12.78 24.29
C THR C 157 -4.03 -13.64 23.77
N LEU C 158 -4.39 -14.75 23.16
CA LEU C 158 -3.40 -15.58 22.51
C LEU C 158 -2.69 -14.76 21.43
N ALA C 159 -1.36 -14.66 21.54
CA ALA C 159 -0.55 -13.85 20.62
C ALA C 159 0.10 -14.66 19.51
N TRP C 160 0.62 -15.83 19.87
CA TRP C 160 1.25 -16.71 18.89
C TRP C 160 1.42 -18.09 19.46
N VAL C 161 1.74 -19.06 18.60
CA VAL C 161 1.91 -20.44 19.02
C VAL C 161 3.19 -21.02 18.41
N SER C 162 3.71 -22.05 19.06
CA SER C 162 4.95 -22.70 18.64
C SER C 162 4.89 -24.17 19.04
N PRO C 163 5.81 -24.99 18.51
CA PRO C 163 5.71 -26.44 18.77
C PRO C 163 5.92 -26.86 20.22
N SER C 164 5.32 -27.96 20.59
CA SER C 164 5.47 -28.44 21.96
C SER C 164 6.89 -28.91 22.25
N THR C 165 7.56 -29.47 21.25
CA THR C 165 8.92 -29.99 21.41
C THR C 165 9.79 -29.60 20.22
N SER C 166 11.11 -29.71 20.36
CA SER C 166 11.98 -29.21 19.31
C SER C 166 11.83 -30.12 18.09
N GLY C 167 11.83 -29.56 16.89
CA GLY C 167 11.68 -30.36 15.70
C GLY C 167 10.26 -30.77 15.38
N ALA C 168 9.31 -30.43 16.24
CA ALA C 168 7.90 -30.75 15.99
C ALA C 168 7.25 -29.62 15.20
N ARG C 169 6.01 -29.82 14.77
CA ARG C 169 5.30 -28.74 14.12
C ARG C 169 4.05 -28.36 14.89
N VAL C 170 3.54 -27.16 14.60
CA VAL C 170 2.23 -26.80 15.08
C VAL C 170 1.22 -27.18 13.99
N ASP C 171 0.18 -27.91 14.39
CA ASP C 171 -0.94 -28.26 13.51
C ASP C 171 -2.17 -27.60 14.10
N PRO C 172 -2.61 -26.47 13.50
CA PRO C 172 -3.72 -25.75 14.10
C PRO C 172 -5.08 -26.39 13.79
N TRP C 173 -5.10 -27.56 13.14
CA TRP C 173 -6.35 -28.29 12.91
C TRP C 173 -6.69 -29.20 14.10
N LYS C 174 -5.77 -29.28 15.06
CA LYS C 174 -5.97 -30.08 16.28
C LYS C 174 -6.58 -29.24 17.40
N ILE C 175 -7.20 -29.92 18.37
CA ILE C 175 -7.73 -29.26 19.55
C ILE C 175 -7.00 -29.74 20.80
N PRO C 176 -7.13 -28.97 21.90
CA PRO C 176 -6.49 -29.42 23.13
C PRO C 176 -7.15 -30.62 23.73
N SER C 177 -6.41 -31.25 24.63
CA SER C 177 -6.99 -32.17 25.60
C SER C 177 -7.21 -31.37 26.86
N TYR C 178 -8.47 -31.14 27.17
CA TYR C 178 -8.83 -30.21 28.21
C TYR C 178 -8.80 -30.79 29.62
N GLY C 179 -8.79 -32.11 29.70
CA GLY C 179 -8.83 -32.79 30.97
C GLY C 179 -7.46 -33.10 31.53
N SER C 180 -7.42 -33.56 32.78
CA SER C 180 -6.15 -33.85 33.42
C SER C 180 -5.75 -35.30 33.19
N GLU C 184 -11.47 -38.30 31.90
CA GLU C 184 -12.17 -37.14 32.41
C GLU C 184 -13.17 -36.65 31.36
N SER C 185 -14.40 -36.40 31.79
CA SER C 185 -15.44 -35.86 30.91
C SER C 185 -15.26 -34.37 30.67
N THR C 186 -14.93 -33.97 29.44
CA THR C 186 -14.75 -32.55 29.16
C THR C 186 -15.87 -31.85 28.35
N HIS C 187 -16.92 -32.57 27.98
CA HIS C 187 -18.07 -31.92 27.30
C HIS C 187 -17.78 -31.19 26.00
N LEU C 188 -17.05 -31.87 25.14
CA LEU C 188 -16.68 -31.31 23.87
C LEU C 188 -17.85 -31.15 22.92
N ALA C 189 -17.84 -30.07 22.15
CA ALA C 189 -18.70 -30.00 20.99
C ALA C 189 -18.31 -31.20 20.10
N PRO C 190 -19.31 -31.82 19.44
CA PRO C 190 -19.01 -33.07 18.74
C PRO C 190 -18.22 -32.88 17.44
N PRO C 191 -17.70 -33.98 16.91
CA PRO C 191 -16.97 -33.88 15.64
C PRO C 191 -17.87 -33.40 14.51
N ILE C 192 -17.25 -32.77 13.52
CA ILE C 192 -17.90 -32.44 12.27
C ILE C 192 -17.39 -33.36 11.15
N PHE C 193 -18.29 -34.18 10.60
CA PHE C 193 -18.03 -35.07 9.45
C PHE C 193 -18.50 -34.43 8.16
N PRO C 194 -17.66 -34.50 7.11
CA PRO C 194 -18.18 -34.17 5.77
C PRO C 194 -19.43 -35.03 5.53
N PRO C 195 -20.55 -34.39 5.13
CA PRO C 195 -21.88 -35.00 5.19
C PRO C 195 -22.34 -35.76 3.94
N GLY C 196 -21.45 -36.06 3.01
CA GLY C 196 -21.78 -36.91 1.88
C GLY C 196 -22.13 -36.11 0.64
N PHE C 197 -22.63 -36.81 -0.38
CA PHE C 197 -23.05 -36.19 -1.64
C PHE C 197 -21.95 -35.36 -2.27
N GLY C 198 -20.71 -35.81 -2.10
CA GLY C 198 -19.56 -35.17 -2.69
C GLY C 198 -19.15 -33.86 -2.02
N GLU C 199 -19.80 -33.57 -0.90
CA GLU C 199 -19.57 -32.30 -0.21
C GLU C 199 -18.30 -32.27 0.63
N ALA C 200 -17.71 -31.09 0.72
CA ALA C 200 -16.52 -30.88 1.53
C ALA C 200 -16.82 -29.73 2.46
N ILE C 201 -16.36 -29.83 3.71
CA ILE C 201 -16.52 -28.76 4.68
C ILE C 201 -15.73 -27.53 4.23
N VAL C 202 -16.36 -26.35 4.33
CA VAL C 202 -15.67 -25.10 4.00
C VAL C 202 -14.97 -24.56 5.23
N TYR C 203 -13.67 -24.28 5.07
CA TYR C 203 -12.87 -23.70 6.14
C TYR C 203 -12.54 -22.26 5.81
N PHE C 204 -12.74 -21.41 6.80
CA PHE C 204 -12.44 -20.00 6.68
C PHE C 204 -11.08 -19.72 7.34
N MET C 205 -10.15 -19.17 6.57
CA MET C 205 -8.74 -19.08 6.97
C MET C 205 -8.33 -17.66 7.34
N SER C 206 -7.43 -17.56 8.32
CA SER C 206 -6.83 -16.28 8.67
C SER C 206 -5.33 -16.41 8.83
N ASP C 207 -4.62 -15.37 8.46
CA ASP C 207 -3.20 -15.30 8.80
C ASP C 207 -3.07 -15.18 10.33
N PHE C 208 -2.04 -15.83 10.88
CA PHE C 208 -1.79 -15.78 12.32
C PHE C 208 -0.37 -16.25 12.59
N PRO C 209 0.31 -15.66 13.60
CA PRO C 209 1.70 -16.06 13.80
C PRO C 209 1.83 -17.46 14.42
N ILE C 210 2.14 -18.41 13.55
CA ILE C 210 2.39 -19.79 13.92
C ILE C 210 3.86 -20.02 13.61
N VAL C 211 4.65 -20.30 14.64
CA VAL C 211 6.05 -20.68 14.46
C VAL C 211 6.11 -22.18 14.16
N SER C 212 6.78 -22.55 13.07
CA SER C 212 6.92 -23.94 12.66
C SER C 212 5.58 -24.61 12.32
N GLY C 213 4.74 -23.90 11.59
CA GLY C 213 3.54 -24.45 11.02
C GLY C 213 3.77 -24.69 9.54
N ASN C 214 3.00 -25.55 8.91
CA ASN C 214 3.11 -25.73 7.46
C ASN C 214 2.79 -24.42 6.73
N THR C 215 1.82 -23.69 7.26
CA THR C 215 1.54 -22.32 6.83
C THR C 215 1.17 -21.57 8.08
N ALA C 216 1.20 -20.24 7.98
CA ALA C 216 0.84 -19.43 9.13
C ALA C 216 -0.61 -19.00 9.04
N GLN C 217 -1.49 -20.00 8.98
CA GLN C 217 -2.92 -19.81 8.83
C GLN C 217 -3.67 -20.65 9.85
N VAL C 218 -4.82 -20.17 10.31
CA VAL C 218 -5.68 -20.92 11.21
C VAL C 218 -7.07 -21.07 10.56
N PRO C 219 -7.57 -22.31 10.46
CA PRO C 219 -8.92 -22.53 9.90
C PRO C 219 -10.01 -22.42 10.97
N CYS C 220 -11.21 -22.04 10.57
CA CYS C 220 -12.37 -22.21 11.43
C CYS C 220 -13.56 -22.61 10.56
N THR C 221 -14.63 -23.06 11.19
CA THR C 221 -15.78 -23.57 10.45
C THR C 221 -16.98 -22.62 10.39
N LEU C 222 -17.02 -21.59 11.22
CA LEU C 222 -18.00 -20.51 11.04
C LEU C 222 -17.33 -19.19 11.29
N PRO C 223 -17.58 -18.21 10.43
CA PRO C 223 -17.12 -16.85 10.77
C PRO C 223 -17.76 -16.41 12.08
N GLN C 224 -17.04 -15.62 12.88
CA GLN C 224 -17.54 -15.27 14.19
C GLN C 224 -18.86 -14.51 14.12
N GLU C 225 -19.01 -13.62 13.12
CA GLU C 225 -20.25 -12.87 13.01
C GLU C 225 -21.45 -13.75 12.61
N PHE C 226 -21.18 -14.92 12.02
CA PHE C 226 -22.25 -15.90 11.78
C PHE C 226 -22.72 -16.47 13.12
N VAL C 227 -21.78 -16.77 14.00
CA VAL C 227 -22.13 -17.29 15.32
C VAL C 227 -23.04 -16.29 16.06
N SER C 228 -22.62 -15.03 16.15
CA SER C 228 -23.43 -14.06 16.87
C SER C 228 -24.77 -13.83 16.17
N HIS C 229 -24.79 -13.88 14.83
CA HIS C 229 -26.03 -13.74 14.08
C HIS C 229 -27.03 -14.82 14.48
N PHE C 230 -26.57 -16.06 14.54
CA PHE C 230 -27.45 -17.17 14.91
C PHE C 230 -27.93 -17.04 16.35
N VAL C 231 -27.03 -16.64 17.25
CA VAL C 231 -27.40 -16.43 18.65
C VAL C 231 -28.49 -15.37 18.80
N GLU C 232 -28.35 -14.30 18.04
CA GLU C 232 -29.29 -13.20 18.12
C GLU C 232 -30.63 -13.53 17.57
N GLN C 233 -30.64 -14.26 16.47
CA GLN C 233 -31.85 -14.45 15.70
C GLN C 233 -32.74 -15.54 16.32
N GLN C 234 -32.11 -16.55 16.93
CA GLN C 234 -32.82 -17.68 17.52
C GLN C 234 -33.89 -18.20 16.55
N ALA C 235 -33.50 -18.38 15.29
CA ALA C 235 -34.43 -18.76 14.23
C ALA C 235 -34.72 -20.25 14.26
N PRO C 236 -35.97 -20.63 13.96
CA PRO C 236 -36.31 -22.05 13.85
C PRO C 236 -35.73 -22.67 12.59
N VAL C 237 -35.32 -23.93 12.72
CA VAL C 237 -34.80 -24.65 11.58
C VAL C 237 -35.99 -25.27 10.87
N ARG C 238 -36.14 -24.95 9.58
CA ARG C 238 -37.34 -25.35 8.86
C ARG C 238 -37.06 -26.34 7.72
N GLY C 239 -35.84 -26.89 7.69
CA GLY C 239 -35.49 -27.92 6.72
C GLY C 239 -34.21 -28.62 7.14
N GLU C 240 -33.74 -29.56 6.33
CA GLU C 240 -32.57 -30.35 6.70
C GLU C 240 -31.27 -29.61 6.44
N ALA C 241 -31.31 -28.63 5.54
CA ALA C 241 -30.15 -27.79 5.27
C ALA C 241 -30.62 -26.48 4.66
N ALA C 242 -29.83 -25.43 4.85
CA ALA C 242 -30.13 -24.14 4.25
C ALA C 242 -29.23 -23.95 3.04
N LEU C 243 -29.84 -23.81 1.87
CA LEU C 243 -29.09 -23.52 0.66
C LEU C 243 -28.75 -22.04 0.67
N LEU C 244 -27.45 -21.74 0.56
CA LEU C 244 -26.93 -20.39 0.42
C LEU C 244 -26.36 -20.14 -0.98
N HIS C 245 -26.41 -18.89 -1.42
CA HIS C 245 -25.62 -18.47 -2.56
C HIS C 245 -24.50 -17.54 -2.07
N TYR C 246 -23.33 -17.65 -2.68
CA TYR C 246 -22.25 -16.71 -2.42
C TYR C 246 -22.29 -15.72 -3.58
N VAL C 247 -22.64 -14.47 -3.28
CA VAL C 247 -23.05 -13.50 -4.30
C VAL C 247 -22.06 -12.33 -4.43
N ASP C 248 -21.74 -11.92 -5.66
CA ASP C 248 -21.01 -10.67 -5.85
C ASP C 248 -21.92 -9.50 -5.48
N PRO C 249 -21.50 -8.64 -4.54
CA PRO C 249 -22.42 -7.61 -4.07
C PRO C 249 -22.57 -6.43 -5.03
N ASP C 250 -21.75 -6.37 -6.08
CA ASP C 250 -21.86 -5.29 -7.06
C ASP C 250 -22.72 -5.69 -8.27
N THR C 251 -22.56 -6.91 -8.77
CA THR C 251 -23.36 -7.39 -9.92
C THR C 251 -24.54 -8.22 -9.48
N HIS C 252 -24.50 -8.64 -8.21
CA HIS C 252 -25.54 -9.49 -7.62
C HIS C 252 -25.60 -10.89 -8.21
N ARG C 253 -24.54 -11.29 -8.87
CA ARG C 253 -24.52 -12.60 -9.48
C ARG C 253 -24.17 -13.69 -8.48
N ASN C 254 -24.83 -14.83 -8.62
CA ASN C 254 -24.53 -15.99 -7.79
C ASN C 254 -23.23 -16.66 -8.26
N LEU C 255 -22.24 -16.70 -7.38
CA LEU C 255 -20.92 -17.27 -7.69
C LEU C 255 -20.80 -18.73 -7.25
N GLY C 256 -21.77 -19.22 -6.48
CA GLY C 256 -21.74 -20.60 -6.07
C GLY C 256 -22.75 -20.98 -5.01
N GLU C 257 -23.14 -22.25 -5.02
CA GLU C 257 -24.07 -22.81 -4.03
C GLU C 257 -23.34 -23.48 -2.88
N PHE C 258 -23.86 -23.26 -1.68
CA PHE C 258 -23.31 -23.83 -0.44
C PHE C 258 -24.48 -24.33 0.40
N LYS C 259 -24.22 -25.31 1.26
CA LYS C 259 -25.22 -25.77 2.22
C LYS C 259 -24.78 -25.43 3.62
N LEU C 260 -25.69 -24.84 4.38
CA LEU C 260 -25.48 -24.53 5.78
C LEU C 260 -26.30 -25.53 6.61
N TYR C 261 -25.62 -26.34 7.40
CA TYR C 261 -26.27 -27.42 8.13
C TYR C 261 -26.70 -27.00 9.52
N PRO C 262 -27.80 -27.59 10.02
CA PRO C 262 -28.32 -27.23 11.34
C PRO C 262 -27.29 -27.30 12.46
N ASP C 263 -26.37 -28.24 12.38
CA ASP C 263 -25.34 -28.39 13.40
C ASP C 263 -24.31 -27.27 13.38
N GLY C 264 -24.34 -26.45 12.33
CA GLY C 264 -23.55 -25.23 12.30
C GLY C 264 -22.23 -25.32 11.56
N PHE C 265 -22.27 -25.70 10.30
CA PHE C 265 -21.09 -25.67 9.44
C PHE C 265 -21.59 -25.54 8.01
N ILE C 266 -20.67 -25.26 7.09
CA ILE C 266 -21.00 -24.96 5.70
C ILE C 266 -20.23 -25.91 4.79
N THR C 267 -20.89 -26.38 3.73
CA THR C 267 -20.21 -27.22 2.75
C THR C 267 -20.39 -26.70 1.35
N CYS C 268 -19.57 -27.23 0.44
CA CYS C 268 -19.74 -27.05 -0.99
C CYS C 268 -19.32 -28.36 -1.65
N VAL C 269 -19.50 -28.45 -2.97
CA VAL C 269 -18.90 -29.52 -3.74
C VAL C 269 -17.78 -28.87 -4.56
N PRO C 270 -16.52 -29.15 -4.20
CA PRO C 270 -15.42 -28.52 -4.92
C PRO C 270 -15.16 -29.20 -6.25
N ASN C 271 -14.93 -28.43 -7.30
CA ASN C 271 -14.43 -28.99 -8.56
C ASN C 271 -13.11 -29.67 -8.25
N THR C 272 -12.80 -30.74 -8.98
CA THR C 272 -11.59 -31.49 -8.74
C THR C 272 -10.36 -30.60 -8.87
N GLY C 273 -9.49 -30.65 -7.87
CA GLY C 273 -8.29 -29.85 -7.89
C GLY C 273 -8.52 -28.42 -7.43
N GLY C 274 -9.78 -28.09 -7.16
CA GLY C 274 -10.12 -26.71 -6.84
C GLY C 274 -11.07 -26.62 -5.67
N GLY C 275 -11.98 -25.65 -5.72
CA GLY C 275 -12.88 -25.39 -4.62
C GLY C 275 -13.01 -23.90 -4.34
N PRO C 276 -13.59 -23.56 -3.17
CA PRO C 276 -13.94 -22.17 -2.85
C PRO C 276 -12.70 -21.29 -2.67
N GLN C 277 -11.52 -21.89 -2.54
CA GLN C 277 -10.27 -21.13 -2.54
C GLN C 277 -10.02 -20.38 -3.85
N ASN C 278 -10.72 -20.77 -4.90
CA ASN C 278 -10.62 -20.10 -6.19
C ASN C 278 -11.67 -19.02 -6.43
N LEU C 279 -12.56 -18.82 -5.47
CA LEU C 279 -13.58 -17.78 -5.59
C LEU C 279 -13.02 -16.46 -5.14
N PRO C 280 -13.62 -15.35 -5.64
CA PRO C 280 -13.24 -14.04 -5.09
C PRO C 280 -13.57 -13.98 -3.61
N THR C 281 -12.86 -13.10 -2.90
CA THR C 281 -12.99 -13.01 -1.47
C THR C 281 -13.84 -11.82 -1.03
N ASN C 282 -14.60 -11.23 -1.96
CA ASN C 282 -15.42 -10.08 -1.63
C ASN C 282 -16.91 -10.38 -1.73
N GLY C 283 -17.25 -11.67 -1.78
CA GLY C 283 -18.64 -12.10 -1.92
C GLY C 283 -19.40 -12.12 -0.61
N VAL C 284 -20.73 -12.16 -0.70
CA VAL C 284 -21.61 -12.16 0.47
C VAL C 284 -22.47 -13.41 0.43
N PHE C 285 -22.54 -14.15 1.53
CA PHE C 285 -23.45 -15.30 1.56
C PHE C 285 -24.87 -14.82 1.78
N VAL C 286 -25.82 -15.41 1.06
CA VAL C 286 -27.23 -15.04 1.17
C VAL C 286 -28.07 -16.30 1.25
N PHE C 287 -28.97 -16.35 2.22
CA PHE C 287 -29.92 -17.47 2.35
C PHE C 287 -30.80 -17.52 1.10
N SER C 288 -30.94 -18.73 0.53
CA SER C 288 -31.76 -18.90 -0.64
C SER C 288 -33.06 -19.66 -0.30
N SER C 289 -32.93 -20.88 0.23
CA SER C 289 -34.10 -21.68 0.58
C SER C 289 -33.70 -22.84 1.49
N TRP C 290 -34.69 -23.42 2.15
CA TRP C 290 -34.51 -24.69 2.84
C TRP C 290 -34.55 -25.86 1.85
N VAL C 291 -33.61 -26.78 1.99
CA VAL C 291 -33.52 -27.92 1.09
C VAL C 291 -33.32 -29.23 1.82
N SER C 292 -33.49 -30.31 1.09
CA SER C 292 -33.28 -31.63 1.61
C SER C 292 -31.81 -31.87 1.89
N ARG C 293 -31.56 -32.79 2.81
CA ARG C 293 -30.23 -33.19 3.18
C ARG C 293 -29.55 -33.74 1.93
N TYR C 294 -30.36 -34.24 1.00
CA TYR C 294 -29.80 -34.88 -0.16
C TYR C 294 -29.72 -33.97 -1.37
N TYR C 295 -30.00 -32.67 -1.19
CA TYR C 295 -29.86 -31.71 -2.30
C TYR C 295 -28.44 -31.73 -2.83
N GLN C 296 -28.30 -31.97 -4.14
CA GLN C 296 -26.98 -32.08 -4.77
C GLN C 296 -26.49 -30.70 -5.26
N LEU C 297 -25.39 -30.22 -4.70
CA LEU C 297 -24.87 -28.90 -5.03
C LEU C 297 -24.13 -28.91 -6.36
N LYS C 298 -24.23 -27.79 -7.08
CA LYS C 298 -23.40 -27.52 -8.25
C LYS C 298 -21.99 -27.25 -7.80
N PRO C 299 -21.00 -27.89 -8.44
CA PRO C 299 -19.62 -27.67 -7.99
C PRO C 299 -19.10 -26.25 -8.16
N VAL C 300 -18.18 -25.88 -7.28
CA VAL C 300 -17.59 -24.54 -7.25
C VAL C 300 -16.08 -24.53 -7.42
N GLY C 301 -15.59 -23.46 -8.02
CA GLY C 301 -14.17 -23.18 -7.99
C GLY C 301 -13.37 -24.10 -8.87
N LEU D 7 -36.60 -1.87 12.25
CA LEU D 7 -35.31 -1.63 12.86
C LEU D 7 -35.07 -2.58 14.02
N THR D 8 -33.87 -3.16 14.10
CA THR D 8 -33.47 -3.84 15.33
C THR D 8 -32.09 -3.38 15.76
N VAL D 9 -31.78 -3.67 17.02
CA VAL D 9 -30.43 -3.55 17.55
C VAL D 9 -30.00 -4.94 18.02
N PRO D 10 -28.68 -5.14 18.22
CA PRO D 10 -28.21 -6.50 18.52
C PRO D 10 -28.89 -7.11 19.74
N ASN D 11 -29.43 -8.33 19.59
CA ASN D 11 -30.01 -9.09 20.69
C ASN D 11 -28.91 -9.83 21.43
N ILE D 12 -28.06 -9.05 22.08
CA ILE D 12 -26.87 -9.54 22.76
C ILE D 12 -26.71 -8.73 24.02
N PRO D 13 -26.48 -9.41 25.16
CA PRO D 13 -26.33 -8.65 26.41
C PRO D 13 -25.08 -7.76 26.34
N LEU D 14 -25.11 -6.66 27.08
CA LEU D 14 -24.06 -5.65 27.08
C LEU D 14 -22.65 -6.21 27.29
N ASN D 15 -22.55 -7.10 28.25
CA ASN D 15 -21.26 -7.69 28.60
C ASN D 15 -20.72 -8.68 27.57
N ASN D 16 -21.54 -9.00 26.57
CA ASN D 16 -21.10 -9.79 25.41
C ASN D 16 -20.87 -8.92 24.16
N LEU D 17 -20.83 -7.60 24.33
CA LEU D 17 -20.57 -6.67 23.23
C LEU D 17 -19.14 -6.15 23.32
N ALA D 18 -18.51 -5.93 22.17
CA ALA D 18 -17.12 -5.45 22.11
C ALA D 18 -17.02 -3.92 22.08
N ASN D 19 -15.95 -3.39 22.67
CA ASN D 19 -15.59 -1.99 22.48
C ASN D 19 -15.23 -1.76 21.00
N SER D 20 -15.57 -0.58 20.50
CA SER D 20 -15.31 -0.20 19.11
C SER D 20 -14.04 0.64 18.94
N ARG D 21 -13.35 0.94 20.05
CA ARG D 21 -12.12 1.73 20.01
C ARG D 21 -10.90 0.97 20.50
N VAL D 22 -11.11 -0.11 21.26
CA VAL D 22 -10.01 -1.00 21.62
C VAL D 22 -10.49 -2.43 21.57
N PRO D 23 -9.57 -3.39 21.38
CA PRO D 23 -10.01 -4.79 21.33
C PRO D 23 -10.25 -5.32 22.74
N ALA D 24 -11.47 -5.14 23.22
CA ALA D 24 -11.84 -5.46 24.61
C ALA D 24 -13.34 -5.60 24.65
N MET D 25 -13.86 -6.23 25.70
CA MET D 25 -15.30 -6.34 25.91
C MET D 25 -15.81 -5.16 26.74
N ILE D 26 -17.08 -4.80 26.54
CA ILE D 26 -17.68 -3.73 27.33
C ILE D 26 -17.93 -4.24 28.73
N ASN D 27 -17.57 -3.42 29.70
CA ASN D 27 -17.72 -3.79 31.10
C ASN D 27 -18.81 -2.99 31.81
N LYS D 28 -19.11 -1.80 31.31
CA LYS D 28 -20.14 -0.96 31.93
C LYS D 28 -20.51 0.20 31.04
N MET D 29 -21.62 0.86 31.37
CA MET D 29 -22.02 2.11 30.73
C MET D 29 -21.77 3.23 31.71
N THR D 30 -21.56 4.42 31.20
CA THR D 30 -21.54 5.58 32.08
C THR D 30 -21.92 6.84 31.32
N VAL D 31 -22.11 7.93 32.05
CA VAL D 31 -22.24 9.24 31.43
C VAL D 31 -21.00 10.00 31.84
N SER D 32 -20.65 11.02 31.08
CA SER D 32 -19.46 11.80 31.38
C SER D 32 -19.70 12.69 32.60
N THR D 33 -18.63 12.92 33.39
CA THR D 33 -18.74 13.71 34.61
C THR D 33 -19.25 15.12 34.30
N ASP D 34 -18.77 15.69 33.21
CA ASP D 34 -19.37 16.89 32.65
C ASP D 34 -20.29 16.43 31.52
N GLN D 35 -21.62 16.51 31.70
CA GLN D 35 -22.55 15.99 30.70
C GLN D 35 -22.68 16.84 29.44
N ASN D 36 -22.01 17.98 29.43
CA ASN D 36 -21.87 18.77 28.21
C ASN D 36 -20.58 18.46 27.41
N GLN D 37 -19.76 17.54 27.89
CA GLN D 37 -18.51 17.20 27.18
C GLN D 37 -18.78 16.70 25.77
N VAL D 38 -18.04 17.25 24.81
CA VAL D 38 -18.18 16.85 23.43
C VAL D 38 -17.05 15.90 23.07
N VAL D 39 -17.36 14.79 22.38
CA VAL D 39 -16.32 13.88 21.92
C VAL D 39 -16.34 13.83 20.40
N GLN D 40 -15.28 13.28 19.83
CA GLN D 40 -15.16 13.18 18.38
C GLN D 40 -14.46 11.88 17.98
N PHE D 41 -14.81 10.78 18.63
CA PHE D 41 -14.19 9.49 18.32
C PHE D 41 -14.30 9.19 16.83
N GLN D 42 -13.27 8.56 16.27
CA GLN D 42 -13.24 8.22 14.85
C GLN D 42 -13.58 6.76 14.59
N ASN D 43 -13.45 5.93 15.61
CA ASN D 43 -13.94 4.55 15.54
C ASN D 43 -15.25 4.41 16.34
N GLY D 44 -16.00 3.36 16.06
CA GLY D 44 -17.31 3.20 16.66
C GLY D 44 -18.35 4.16 16.11
N ARG D 45 -18.11 4.69 14.91
CA ARG D 45 -19.00 5.69 14.32
C ARG D 45 -19.71 5.14 13.08
N CYS D 46 -21.04 5.17 13.10
CA CYS D 46 -21.82 4.62 12.01
C CYS D 46 -23.22 5.17 12.14
N THR D 47 -23.83 5.60 11.03
CA THR D 47 -25.22 6.06 11.09
C THR D 47 -26.17 4.87 11.19
N LEU D 48 -27.39 5.14 11.65
CA LEU D 48 -28.38 4.08 11.77
C LEU D 48 -28.70 3.41 10.46
N GLU D 49 -28.63 4.16 9.38
CA GLU D 49 -28.86 3.58 8.08
C GLU D 49 -27.70 2.72 7.61
N GLY D 50 -26.59 2.72 8.34
CA GLY D 50 -25.47 1.85 8.01
C GLY D 50 -24.31 2.44 7.24
N GLN D 51 -24.13 3.75 7.34
CA GLN D 51 -22.96 4.42 6.76
C GLN D 51 -21.84 4.55 7.79
N LEU D 52 -20.72 3.86 7.54
CA LEU D 52 -19.53 3.96 8.37
C LEU D 52 -19.00 5.37 8.30
N LEU D 53 -18.50 5.87 9.43
CA LEU D 53 -17.94 7.21 9.51
C LEU D 53 -16.53 7.12 10.07
N GLY D 54 -15.72 8.12 9.78
CA GLY D 54 -14.38 8.12 10.31
C GLY D 54 -13.57 6.94 9.81
N THR D 55 -12.83 6.31 10.72
CA THR D 55 -12.01 5.16 10.37
C THR D 55 -12.70 3.86 10.75
N THR D 56 -13.98 3.95 11.15
CA THR D 56 -14.68 2.79 11.69
C THR D 56 -14.75 1.62 10.71
N PRO D 57 -14.31 0.44 11.17
CA PRO D 57 -14.41 -0.78 10.37
C PRO D 57 -15.67 -1.55 10.77
N VAL D 58 -15.91 -2.67 10.12
CA VAL D 58 -17.10 -3.47 10.37
C VAL D 58 -16.95 -4.48 11.51
N SER D 59 -15.79 -5.14 11.59
CA SER D 59 -15.62 -6.24 12.55
C SER D 59 -14.85 -5.80 13.78
N ALA D 60 -15.19 -6.41 14.91
CA ALA D 60 -14.46 -6.20 16.17
C ALA D 60 -12.97 -6.59 16.03
N SER D 61 -12.65 -7.48 15.09
CA SER D 61 -11.27 -7.90 14.87
C SER D 61 -10.50 -7.01 13.86
N GLN D 62 -11.10 -5.86 13.51
CA GLN D 62 -10.41 -4.79 12.79
C GLN D 62 -10.15 -3.57 13.68
N VAL D 63 -10.69 -3.58 14.89
CA VAL D 63 -10.64 -2.40 15.75
C VAL D 63 -9.25 -2.15 16.36
N ALA D 64 -8.70 -0.94 16.13
CA ALA D 64 -7.40 -0.53 16.69
C ALA D 64 -6.24 -1.41 16.25
N ARG D 65 -6.18 -1.66 14.94
CA ARG D 65 -5.12 -2.44 14.33
C ARG D 65 -4.41 -1.60 13.28
N ILE D 66 -3.17 -1.99 12.98
CA ILE D 66 -2.30 -1.29 12.06
C ILE D 66 -1.59 -2.33 11.20
N ARG D 67 -1.46 -2.03 9.90
CA ARG D 67 -0.66 -2.84 9.00
C ARG D 67 0.17 -1.92 8.11
N GLY D 68 1.40 -2.29 7.83
CA GLY D 68 2.22 -1.50 6.93
C GLY D 68 3.54 -2.15 6.66
N LYS D 69 4.30 -1.57 5.73
CA LYS D 69 5.60 -2.09 5.35
C LYS D 69 6.69 -1.28 6.04
N VAL D 70 7.64 -1.96 6.65
CA VAL D 70 8.74 -1.24 7.31
C VAL D 70 9.64 -0.52 6.29
N PHE D 71 9.97 0.75 6.56
CA PHE D 71 10.94 1.49 5.74
C PHE D 71 11.94 2.25 6.63
N SER D 72 13.06 2.66 6.04
CA SER D 72 14.05 3.42 6.80
C SER D 72 13.70 4.90 6.84
N THR D 73 13.84 5.47 8.03
CA THR D 73 13.67 6.89 8.29
C THR D 73 14.99 7.50 8.68
N ALA D 74 15.01 8.81 8.90
CA ALA D 74 16.26 9.47 9.25
C ALA D 74 16.85 8.97 10.57
N SER D 75 16.00 8.59 11.51
CA SER D 75 16.49 8.13 12.82
C SER D 75 16.28 6.64 13.10
N GLY D 76 15.69 5.94 12.13
CA GLY D 76 15.48 4.51 12.25
C GLY D 76 14.36 4.09 11.34
N LYS D 77 13.43 3.26 11.81
CA LYS D 77 12.34 2.76 10.94
C LYS D 77 10.94 3.37 11.12
N GLY D 78 10.08 3.21 10.11
CA GLY D 78 8.69 3.62 10.13
C GLY D 78 7.86 2.61 9.36
N LEU D 79 6.55 2.84 9.32
CA LEU D 79 5.64 2.01 8.52
C LEU D 79 5.00 2.84 7.44
N ASN D 80 5.06 2.33 6.22
CA ASN D 80 4.25 2.80 5.11
C ASN D 80 2.95 2.01 5.17
N LEU D 81 1.87 2.67 5.60
CA LEU D 81 0.64 1.98 5.96
C LEU D 81 -0.10 1.39 4.77
N THR D 82 -0.75 0.25 5.01
CA THR D 82 -1.73 -0.32 4.09
C THR D 82 -3.04 -0.51 4.85
N GLU D 83 -4.09 -0.90 4.12
CA GLU D 83 -5.26 -1.39 4.81
C GLU D 83 -4.90 -2.73 5.52
N LEU D 84 -5.75 -3.12 6.46
CA LEU D 84 -5.49 -4.31 7.29
C LEU D 84 -5.47 -5.62 6.50
N ASP D 85 -6.12 -5.62 5.33
CA ASP D 85 -6.14 -6.80 4.46
C ASP D 85 -4.95 -6.82 3.49
N GLY D 86 -4.07 -5.83 3.64
CA GLY D 86 -2.88 -5.76 2.83
C GLY D 86 -3.04 -5.01 1.52
N THR D 87 -4.26 -4.60 1.20
CA THR D 87 -4.45 -3.82 -0.01
C THR D 87 -3.96 -2.41 0.24
N PRO D 88 -3.64 -1.69 -0.85
CA PRO D 88 -3.05 -0.37 -0.65
C PRO D 88 -3.98 0.62 0.06
N TYR D 89 -3.36 1.40 0.93
CA TYR D 89 -3.99 2.55 1.52
C TYR D 89 -3.78 3.72 0.59
N HIS D 90 -4.82 4.45 0.25
CA HIS D 90 -4.58 5.74 -0.39
C HIS D 90 -5.03 6.90 0.49
N ALA D 91 -4.20 7.94 0.52
CA ALA D 91 -4.55 9.16 1.23
C ALA D 91 -5.69 9.86 0.51
N PHE D 92 -6.90 9.72 1.03
CA PHE D 92 -8.07 10.22 0.29
C PHE D 92 -9.02 10.84 1.30
N GLU D 93 -10.20 10.26 1.49
CA GLU D 93 -11.24 10.86 2.33
C GLU D 93 -11.23 10.40 3.79
N SER D 94 -10.88 9.15 4.03
CA SER D 94 -10.84 8.67 5.40
C SER D 94 -9.67 9.29 6.17
N PRO D 95 -9.77 9.42 7.51
CA PRO D 95 -8.64 9.99 8.24
C PRO D 95 -7.38 9.12 8.21
N ALA D 96 -7.54 7.83 7.99
CA ALA D 96 -6.46 6.87 8.10
C ALA D 96 -6.97 5.53 7.56
N PRO D 97 -6.11 4.49 7.53
CA PRO D 97 -6.66 3.18 7.13
C PRO D 97 -7.81 2.76 8.03
N LEU D 98 -8.76 1.98 7.50
CA LEU D 98 -9.86 1.53 8.35
C LEU D 98 -9.33 0.70 9.52
N GLY D 99 -9.91 0.99 10.70
CA GLY D 99 -9.53 0.32 11.93
C GLY D 99 -8.37 0.96 12.66
N PHE D 100 -7.68 1.92 12.04
CA PHE D 100 -6.52 2.54 12.66
C PHE D 100 -6.93 3.09 14.04
N PRO D 101 -6.07 2.91 15.08
CA PRO D 101 -6.49 3.36 16.41
C PRO D 101 -6.79 4.86 16.46
N ASP D 102 -7.70 5.24 17.38
CA ASP D 102 -8.06 6.64 17.56
C ASP D 102 -7.89 7.13 19.00
N ILE D 103 -6.95 6.53 19.73
CA ILE D 103 -6.70 6.95 21.11
C ILE D 103 -5.67 8.08 21.06
N GLY D 104 -6.13 9.31 21.24
CA GLY D 104 -5.26 10.44 20.99
C GLY D 104 -4.29 10.82 22.08
N ALA D 105 -3.27 11.59 21.69
CA ALA D 105 -2.39 12.29 22.60
C ALA D 105 -1.72 11.37 23.60
N CYS D 106 -1.11 10.30 23.11
CA CYS D 106 -0.40 9.36 23.95
C CYS D 106 0.55 8.54 23.09
N ASP D 107 1.51 7.85 23.69
CA ASP D 107 2.28 6.85 22.95
C ASP D 107 1.45 5.57 22.81
N TRP D 108 1.64 4.91 21.67
CA TRP D 108 1.03 3.61 21.43
C TRP D 108 2.09 2.53 21.45
N HIS D 109 1.72 1.32 21.87
CA HIS D 109 2.62 0.18 21.83
C HIS D 109 1.85 -0.92 21.13
N VAL D 110 2.30 -1.27 19.92
CA VAL D 110 1.51 -2.06 18.99
C VAL D 110 2.26 -3.36 18.73
N SER D 111 1.60 -4.50 18.96
CA SER D 111 2.26 -5.78 18.78
C SER D 111 2.00 -6.34 17.40
N THR D 112 3.07 -6.51 16.63
CA THR D 112 2.91 -6.93 15.24
C THR D 112 3.66 -8.22 14.91
N PHE D 113 3.22 -8.87 13.83
CA PHE D 113 3.97 -9.98 13.26
C PHE D 113 4.17 -9.79 11.76
N LYS D 114 5.17 -10.47 11.21
CA LYS D 114 5.42 -10.43 9.77
C LYS D 114 4.49 -11.40 9.05
N VAL D 115 3.69 -10.87 8.13
CA VAL D 115 2.75 -11.69 7.40
C VAL D 115 3.54 -12.41 6.32
N ASN D 118 6.77 -18.23 6.79
CA ASN D 118 7.37 -19.20 7.69
C ASN D 118 8.09 -18.49 8.82
N LEU D 119 7.54 -18.64 10.00
CA LEU D 119 8.01 -17.94 11.17
C LEU D 119 8.93 -18.83 12.01
N SER D 120 9.93 -18.20 12.62
CA SER D 120 10.82 -18.87 13.56
C SER D 120 11.13 -17.95 14.74
N GLY D 121 11.59 -18.55 15.83
CA GLY D 121 11.92 -17.80 17.03
C GLY D 121 10.72 -17.09 17.65
N ASP D 122 10.94 -15.85 18.09
CA ASP D 122 9.86 -15.03 18.59
C ASP D 122 9.37 -14.17 17.42
N PRO D 123 8.11 -14.39 16.98
CA PRO D 123 7.63 -13.70 15.78
C PRO D 123 7.15 -12.26 16.01
N MET D 124 7.05 -11.85 17.27
CA MET D 124 6.40 -10.58 17.57
C MET D 124 7.38 -9.43 17.71
N SER D 125 6.96 -8.27 17.22
CA SER D 125 7.67 -7.03 17.46
C SER D 125 6.73 -6.07 18.15
N ARG D 126 7.25 -5.30 19.10
CA ARG D 126 6.43 -4.25 19.69
C ARG D 126 6.90 -2.93 19.12
N LEU D 127 5.97 -2.24 18.46
CA LEU D 127 6.28 -0.96 17.84
C LEU D 127 5.83 0.15 18.79
N ASP D 128 6.78 1.00 19.18
CA ASP D 128 6.52 2.07 20.11
C ASP D 128 6.39 3.36 19.30
N VAL D 129 5.17 3.92 19.30
CA VAL D 129 4.80 4.99 18.38
C VAL D 129 4.44 6.26 19.17
N LYS D 130 5.05 7.39 18.78
CA LYS D 130 4.74 8.68 19.40
C LYS D 130 3.83 9.45 18.46
N GLN D 131 2.92 10.24 19.03
CA GLN D 131 2.07 11.10 18.22
C GLN D 131 2.65 12.50 18.06
N ASN D 132 3.81 12.57 17.41
CA ASN D 132 4.46 13.84 17.17
C ASN D 132 4.51 14.12 15.64
N ALA D 133 5.42 14.96 15.16
CA ALA D 133 5.33 15.41 13.75
C ALA D 133 5.32 14.29 12.67
N PRO D 134 6.16 13.24 12.83
CA PRO D 134 6.09 12.18 11.82
C PRO D 134 4.88 11.26 11.89
N PHE D 135 3.98 11.50 12.84
CA PHE D 135 2.78 10.71 12.95
C PHE D 135 1.83 11.29 11.91
N ALA D 136 1.78 10.63 10.76
CA ALA D 136 1.03 11.17 9.62
C ALA D 136 0.13 10.09 9.01
N PRO D 137 -0.80 9.58 9.82
CA PRO D 137 -1.60 8.46 9.31
C PRO D 137 -2.50 8.83 8.11
N HIS D 138 -2.95 10.07 7.99
CA HIS D 138 -3.74 10.41 6.82
C HIS D 138 -2.93 10.30 5.53
N LEU D 139 -1.67 10.71 5.62
CA LEU D 139 -0.79 10.65 4.46
C LEU D 139 -0.29 9.22 4.25
N GLY D 140 -0.42 8.40 5.30
CA GLY D 140 -0.11 6.99 5.18
C GLY D 140 1.20 6.53 5.79
N SER D 141 1.80 7.32 6.69
CA SER D 141 3.02 6.87 7.35
C SER D 141 3.10 7.23 8.81
N ILE D 142 3.72 6.36 9.59
CA ILE D 142 4.06 6.65 10.98
C ILE D 142 5.48 6.18 11.25
N GLU D 143 6.10 6.71 12.29
CA GLU D 143 7.42 6.23 12.68
C GLU D 143 7.31 5.46 13.99
N PHE D 144 8.28 4.60 14.27
CA PHE D 144 8.29 3.88 15.53
C PHE D 144 9.72 3.61 15.96
N THR D 145 9.89 3.25 17.23
CA THR D 145 11.09 2.61 17.71
C THR D 145 10.68 1.21 18.18
N SER D 146 11.63 0.30 18.20
CA SER D 146 11.34 -1.06 18.65
C SER D 146 12.59 -1.71 19.17
N ASP D 147 12.45 -2.50 20.23
CA ASP D 147 13.58 -3.26 20.75
C ASP D 147 13.79 -4.54 19.96
N GLN D 148 12.85 -4.84 19.06
CA GLN D 148 13.00 -5.95 18.14
C GLN D 148 13.41 -5.41 16.77
N ASP D 149 13.40 -6.27 15.75
CA ASP D 149 13.88 -5.88 14.43
C ASP D 149 12.85 -6.24 13.34
N PRO D 150 11.67 -5.60 13.40
CA PRO D 150 10.64 -5.90 12.41
C PRO D 150 11.07 -5.49 11.01
N THR D 151 10.72 -6.30 10.02
CA THR D 151 10.97 -5.99 8.62
C THR D 151 9.74 -6.35 7.81
N GLY D 152 9.65 -5.81 6.60
CA GLY D 152 8.58 -6.20 5.69
C GLY D 152 7.16 -5.82 6.13
N ASP D 153 6.22 -6.68 5.77
CA ASP D 153 4.78 -6.44 5.95
C ASP D 153 4.38 -6.86 7.38
N GLN D 154 4.14 -5.87 8.23
CA GLN D 154 3.81 -6.09 9.65
C GLN D 154 2.34 -5.80 9.91
N LEU D 155 1.67 -6.72 10.60
CA LEU D 155 0.26 -6.57 10.93
C LEU D 155 0.12 -6.73 12.43
N GLY D 156 -0.62 -5.84 13.06
CA GLY D 156 -0.74 -5.97 14.49
C GLY D 156 -1.83 -5.16 15.14
N THR D 157 -1.82 -5.15 16.46
CA THR D 157 -2.92 -4.67 17.26
C THR D 157 -2.40 -3.79 18.38
N LEU D 158 -3.09 -2.69 18.66
CA LEU D 158 -2.74 -1.86 19.79
C LEU D 158 -2.77 -2.68 21.09
N ALA D 159 -1.64 -2.69 21.82
CA ALA D 159 -1.52 -3.52 23.04
C ALA D 159 -1.69 -2.71 24.31
N TRP D 160 -1.09 -1.52 24.35
CA TRP D 160 -1.24 -0.65 25.50
C TRP D 160 -0.84 0.77 25.14
N VAL D 161 -1.18 1.73 25.98
CA VAL D 161 -0.83 3.13 25.75
C VAL D 161 -0.16 3.71 26.99
N SER D 162 0.62 4.78 26.80
CA SER D 162 1.35 5.43 27.87
C SER D 162 1.48 6.93 27.56
N PRO D 163 1.87 7.75 28.55
CA PRO D 163 1.88 9.21 28.34
C PRO D 163 2.88 9.68 27.26
N SER D 164 2.58 10.77 26.56
CA SER D 164 3.49 11.24 25.51
C SER D 164 4.77 11.79 26.12
N THR D 165 4.66 12.38 27.29
CA THR D 165 5.83 12.94 27.99
C THR D 165 5.81 12.55 29.47
N SER D 166 6.97 12.65 30.15
CA SER D 166 7.12 12.03 31.47
C SER D 166 6.23 12.67 32.53
N GLY D 167 5.53 11.85 33.30
CA GLY D 167 4.67 12.35 34.35
C GLY D 167 3.31 12.85 33.91
N ALA D 168 3.06 12.82 32.60
CA ALA D 168 1.77 13.29 32.06
C ALA D 168 0.77 12.16 32.19
N ARG D 169 -0.50 12.44 31.89
CA ARG D 169 -1.50 11.38 31.94
C ARG D 169 -2.10 11.13 30.59
N VAL D 170 -2.56 9.91 30.36
CA VAL D 170 -3.24 9.59 29.13
C VAL D 170 -4.71 9.91 29.30
N ASP D 171 -5.30 10.58 28.32
CA ASP D 171 -6.75 10.82 28.34
C ASP D 171 -7.34 10.11 27.13
N PRO D 172 -7.98 8.94 27.36
CA PRO D 172 -8.44 8.15 26.21
C PRO D 172 -9.72 8.71 25.62
N TRP D 173 -10.20 9.84 26.12
CA TRP D 173 -11.35 10.51 25.52
C TRP D 173 -10.95 11.43 24.36
N LYS D 174 -9.64 11.57 24.15
CA LYS D 174 -9.10 12.37 23.05
C LYS D 174 -8.88 11.52 21.81
N ILE D 175 -8.83 12.19 20.65
CA ILE D 175 -8.48 11.55 19.39
C ILE D 175 -7.19 12.13 18.84
N PRO D 176 -6.55 11.43 17.89
CA PRO D 176 -5.32 11.94 17.31
C PRO D 176 -5.54 13.12 16.39
N SER D 177 -4.44 13.78 16.07
CA SER D 177 -4.38 14.62 14.90
C SER D 177 -3.82 13.75 13.79
N TYR D 178 -4.58 13.60 12.70
CA TYR D 178 -4.20 12.66 11.64
C TYR D 178 -3.14 13.21 10.68
N GLY D 179 -2.80 14.49 10.82
CA GLY D 179 -1.72 15.03 10.02
C GLY D 179 -2.05 16.38 9.41
N SER D 180 -1.06 17.02 8.81
CA SER D 180 -1.28 18.34 8.26
C SER D 180 -1.92 18.26 6.89
N THR D 181 -2.01 17.05 6.34
CA THR D 181 -2.62 16.90 5.02
C THR D 181 -4.13 16.84 5.14
N VAL D 182 -4.61 16.74 6.38
CA VAL D 182 -6.03 16.75 6.66
C VAL D 182 -6.60 18.13 6.41
N THR D 183 -7.65 18.20 5.60
CA THR D 183 -8.38 19.43 5.33
C THR D 183 -9.86 19.21 5.55
N GLU D 184 -10.65 20.19 5.16
CA GLU D 184 -12.09 20.11 5.30
C GLU D 184 -12.70 19.03 4.38
N SER D 185 -11.97 18.61 3.35
CA SER D 185 -12.45 17.54 2.47
C SER D 185 -12.27 16.16 3.12
N THR D 186 -11.64 16.12 4.29
CA THR D 186 -11.35 14.83 4.94
C THR D 186 -12.55 14.39 5.72
N HIS D 187 -12.95 13.14 5.53
CA HIS D 187 -14.13 12.64 6.22
C HIS D 187 -13.91 12.25 7.69
N LEU D 188 -13.41 13.18 8.52
CA LEU D 188 -13.38 12.93 9.97
C LEU D 188 -14.84 12.85 10.35
N ALA D 189 -15.16 11.87 11.18
CA ALA D 189 -16.46 11.84 11.81
C ALA D 189 -16.63 13.09 12.65
N PRO D 190 -17.84 13.67 12.63
CA PRO D 190 -18.06 14.95 13.31
C PRO D 190 -18.18 14.77 14.83
N PRO D 191 -18.10 15.87 15.57
CA PRO D 191 -18.27 15.78 17.01
C PRO D 191 -19.68 15.29 17.34
N ILE D 192 -19.81 14.66 18.50
CA ILE D 192 -21.10 14.25 19.04
C ILE D 192 -21.46 15.23 20.13
N PHE D 193 -22.55 15.97 19.90
CA PHE D 193 -23.02 16.97 20.84
C PHE D 193 -24.18 16.39 21.66
N PRO D 194 -24.10 16.49 22.99
CA PRO D 194 -25.25 16.19 23.86
C PRO D 194 -26.45 17.01 23.38
N PRO D 195 -27.62 16.39 23.18
CA PRO D 195 -28.67 17.10 22.42
C PRO D 195 -29.61 18.00 23.24
N GLY D 196 -29.32 18.10 24.53
CA GLY D 196 -29.99 19.02 25.45
C GLY D 196 -31.10 18.36 26.23
N PHE D 197 -31.82 19.19 26.99
CA PHE D 197 -32.98 18.76 27.76
C PHE D 197 -32.70 17.54 28.61
N GLY D 198 -31.66 17.65 29.41
CA GLY D 198 -31.32 16.64 30.38
C GLY D 198 -30.75 15.36 29.82
N GLU D 199 -30.63 15.21 28.50
CA GLU D 199 -30.06 13.99 27.95
C GLU D 199 -28.56 14.03 28.03
N ALA D 200 -27.97 12.87 28.23
CA ALA D 200 -26.53 12.71 28.30
C ALA D 200 -26.13 11.55 27.39
N ILE D 201 -25.03 11.69 26.67
CA ILE D 201 -24.51 10.62 25.84
C ILE D 201 -24.08 9.44 26.69
N VAL D 202 -24.42 8.24 26.25
CA VAL D 202 -24.00 7.03 26.93
C VAL D 202 -22.68 6.51 26.38
N TYR D 203 -21.72 6.31 27.27
CA TYR D 203 -20.41 5.79 26.91
C TYR D 203 -20.26 4.36 27.40
N PHE D 204 -19.75 3.50 26.50
CA PHE D 204 -19.54 2.09 26.78
C PHE D 204 -18.05 1.90 27.10
N MET D 205 -17.77 1.39 28.30
CA MET D 205 -16.42 1.43 28.85
C MET D 205 -15.77 0.06 28.87
N SER D 206 -14.45 0.01 28.63
CA SER D 206 -13.70 -1.24 28.74
C SER D 206 -12.42 -1.06 29.53
N ASP D 207 -12.05 -2.10 30.27
CA ASP D 207 -10.72 -2.16 30.84
C ASP D 207 -9.71 -2.27 29.69
N PHE D 208 -8.56 -1.60 29.84
CA PHE D 208 -7.52 -1.67 28.82
C PHE D 208 -6.26 -1.15 29.47
N PRO D 209 -5.09 -1.70 29.10
CA PRO D 209 -3.88 -1.25 29.80
C PRO D 209 -3.43 0.17 29.43
N ILE D 210 -3.70 1.10 30.34
CA ILE D 210 -3.27 2.48 30.20
C ILE D 210 -2.28 2.75 31.34
N VAL D 211 -1.04 3.05 30.99
CA VAL D 211 -0.05 3.43 31.99
C VAL D 211 -0.29 4.88 32.34
N SER D 212 -0.46 5.17 33.63
CA SER D 212 -0.66 6.56 34.06
C SER D 212 -1.93 7.16 33.39
N ALA D 216 -9.17 5.62 33.90
CA ALA D 216 -8.82 4.20 33.91
C ALA D 216 -9.37 3.40 32.70
N GLN D 217 -10.58 3.66 32.22
CA GLN D 217 -11.16 2.79 31.18
C GLN D 217 -11.29 3.52 29.84
N VAL D 218 -11.46 2.77 28.74
CA VAL D 218 -11.57 3.38 27.41
C VAL D 218 -13.03 3.45 27.01
N PRO D 219 -13.52 4.66 26.69
CA PRO D 219 -14.92 4.85 26.30
C PRO D 219 -15.15 4.67 24.81
N CYS D 220 -16.36 4.26 24.42
CA CYS D 220 -16.75 4.36 23.02
C CYS D 220 -18.22 4.71 22.99
N THR D 221 -18.73 5.14 21.83
CA THR D 221 -20.13 5.58 21.74
C THR D 221 -21.07 4.57 21.09
N LEU D 222 -20.54 3.56 20.41
CA LEU D 222 -21.36 2.41 20.00
C LEU D 222 -20.58 1.12 20.22
N PRO D 223 -21.23 0.09 20.81
CA PRO D 223 -20.54 -1.19 20.81
C PRO D 223 -20.31 -1.65 19.37
N GLN D 224 -19.22 -2.38 19.13
CA GLN D 224 -18.87 -2.71 17.77
C GLN D 224 -19.97 -3.51 17.06
N GLU D 225 -20.63 -4.40 17.78
CA GLU D 225 -21.66 -5.19 17.10
C GLU D 225 -22.88 -4.34 16.67
N PHE D 226 -23.09 -3.19 17.29
CA PHE D 226 -24.13 -2.26 16.80
C PHE D 226 -23.68 -1.73 15.43
N VAL D 227 -22.41 -1.39 15.27
CA VAL D 227 -21.92 -0.92 13.98
C VAL D 227 -22.14 -1.98 12.89
N SER D 228 -21.73 -3.22 13.14
CA SER D 228 -21.90 -4.23 12.09
C SER D 228 -23.37 -4.50 11.85
N HIS D 229 -24.19 -4.44 12.89
CA HIS D 229 -25.63 -4.63 12.74
C HIS D 229 -26.22 -3.56 11.79
N PHE D 230 -25.83 -2.31 11.99
CA PHE D 230 -26.33 -1.23 11.14
C PHE D 230 -25.84 -1.35 9.69
N VAL D 231 -24.56 -1.67 9.51
CA VAL D 231 -24.03 -1.86 8.16
C VAL D 231 -24.74 -3.01 7.43
N GLU D 232 -24.99 -4.09 8.16
CA GLU D 232 -25.53 -5.32 7.60
C GLU D 232 -27.01 -5.12 7.21
N GLN D 233 -27.73 -4.39 8.05
CA GLN D 233 -29.17 -4.26 7.90
C GLN D 233 -29.58 -3.21 6.89
N GLN D 234 -28.82 -2.11 6.80
CA GLN D 234 -29.20 -1.00 5.92
C GLN D 234 -30.66 -0.60 6.09
N ALA D 235 -31.05 -0.40 7.34
CA ALA D 235 -32.43 -0.17 7.69
C ALA D 235 -32.87 1.25 7.38
N PRO D 236 -34.11 1.40 6.89
CA PRO D 236 -34.60 2.77 6.75
C PRO D 236 -34.85 3.45 8.10
N VAL D 237 -34.51 4.71 8.18
CA VAL D 237 -34.73 5.47 9.41
C VAL D 237 -36.11 6.11 9.30
N ARG D 238 -36.97 5.79 10.25
CA ARG D 238 -38.38 6.12 10.14
C ARG D 238 -38.87 7.11 11.19
N GLY D 239 -37.92 7.71 11.90
CA GLY D 239 -38.25 8.72 12.88
C GLY D 239 -37.01 9.49 13.27
N GLU D 240 -37.18 10.44 14.19
CA GLU D 240 -36.08 11.30 14.58
C GLU D 240 -35.15 10.63 15.60
N ALA D 241 -35.65 9.61 16.29
CA ALA D 241 -34.83 8.83 17.22
C ALA D 241 -35.48 7.46 17.41
N ALA D 242 -34.68 6.45 17.76
CA ALA D 242 -35.21 5.12 18.04
C ALA D 242 -35.21 4.95 19.56
N LEU D 243 -36.40 4.74 20.13
CA LEU D 243 -36.51 4.48 21.57
C LEU D 243 -36.15 3.02 21.82
N LEU D 244 -35.15 2.79 22.68
CA LEU D 244 -34.75 1.46 23.09
C LEU D 244 -35.10 1.21 24.54
N HIS D 245 -35.40 -0.05 24.86
CA HIS D 245 -35.47 -0.48 26.25
C HIS D 245 -34.26 -1.34 26.54
N TYR D 246 -33.74 -1.23 27.77
CA TYR D 246 -32.65 -2.08 28.22
C TYR D 246 -33.27 -3.14 29.14
N VAL D 247 -33.24 -4.39 28.68
CA VAL D 247 -34.07 -5.43 29.29
C VAL D 247 -33.22 -6.48 30.00
N ASP D 248 -33.64 -6.86 31.19
CA ASP D 248 -33.01 -7.95 31.90
C ASP D 248 -33.34 -9.25 31.17
N PRO D 249 -32.31 -10.00 30.71
CA PRO D 249 -32.63 -11.15 29.86
C PRO D 249 -33.12 -12.38 30.63
N ASP D 250 -33.01 -12.31 31.95
CA ASP D 250 -33.46 -13.40 32.80
C ASP D 250 -34.86 -13.17 33.36
N THR D 251 -35.18 -11.96 33.77
CA THR D 251 -36.53 -11.69 34.29
C THR D 251 -37.40 -11.06 33.22
N HIS D 252 -36.78 -10.58 32.15
CA HIS D 252 -37.47 -9.90 31.05
C HIS D 252 -38.11 -8.57 31.43
N ARG D 253 -37.64 -8.00 32.54
CA ARG D 253 -38.13 -6.70 32.99
C ARG D 253 -37.39 -5.58 32.29
N ASN D 254 -38.10 -4.50 31.99
CA ASN D 254 -37.52 -3.30 31.40
C ASN D 254 -36.80 -2.50 32.46
N LEU D 255 -35.49 -2.33 32.27
CA LEU D 255 -34.68 -1.63 33.27
C LEU D 255 -34.40 -0.15 32.98
N GLY D 256 -34.70 0.32 31.79
CA GLY D 256 -34.45 1.71 31.47
C GLY D 256 -34.65 2.02 30.00
N GLU D 257 -34.96 3.30 29.72
CA GLU D 257 -35.13 3.79 28.35
C GLU D 257 -33.94 4.58 27.86
N PHE D 258 -33.64 4.40 26.58
CA PHE D 258 -32.55 5.09 25.90
C PHE D 258 -33.03 5.57 24.52
N LYS D 259 -32.39 6.62 23.98
CA LYS D 259 -32.68 7.05 22.61
C LYS D 259 -31.46 6.83 21.75
N LEU D 260 -31.67 6.18 20.61
CA LEU D 260 -30.62 5.96 19.63
C LEU D 260 -30.85 6.91 18.46
N TYR D 261 -29.92 7.82 18.23
CA TYR D 261 -30.12 8.85 17.21
C TYR D 261 -29.58 8.41 15.85
N PRO D 262 -30.19 8.92 14.76
CA PRO D 262 -29.75 8.55 13.40
C PRO D 262 -28.26 8.73 13.12
N ASP D 263 -27.64 9.74 13.72
CA ASP D 263 -26.21 9.95 13.49
C ASP D 263 -25.34 8.90 14.20
N GLY D 264 -25.95 8.08 15.03
CA GLY D 264 -25.30 6.89 15.56
C GLY D 264 -24.67 7.08 16.92
N PHE D 265 -25.47 7.49 17.89
CA PHE D 265 -25.03 7.53 19.28
C PHE D 265 -26.27 7.35 20.13
N ILE D 266 -26.08 7.07 21.41
CA ILE D 266 -27.18 6.73 22.30
C ILE D 266 -27.19 7.67 23.49
N THR D 267 -28.38 8.08 23.94
CA THR D 267 -28.47 8.91 25.12
C THR D 267 -29.42 8.31 26.14
N CYS D 268 -29.36 8.84 27.37
CA CYS D 268 -30.34 8.58 28.40
C CYS D 268 -30.55 9.88 29.16
N VAL D 269 -31.49 9.87 30.12
CA VAL D 269 -31.52 10.94 31.10
C VAL D 269 -31.07 10.31 32.41
N PRO D 270 -29.85 10.64 32.86
CA PRO D 270 -29.34 9.99 34.07
C PRO D 270 -29.91 10.63 35.32
N ASN D 271 -30.36 9.81 36.27
CA ASN D 271 -30.74 10.37 37.55
C ASN D 271 -29.53 11.07 38.18
N THR D 272 -29.79 12.18 38.86
CA THR D 272 -28.72 12.95 39.48
C THR D 272 -27.99 12.10 40.50
N GLY D 273 -26.66 12.12 40.42
CA GLY D 273 -25.84 11.32 41.30
C GLY D 273 -25.69 9.88 40.83
N GLY D 274 -26.36 9.51 39.75
CA GLY D 274 -26.36 8.14 39.25
C GLY D 274 -26.33 8.11 37.74
N GLY D 275 -27.05 7.17 37.14
CA GLY D 275 -27.05 7.03 35.70
C GLY D 275 -26.88 5.59 35.28
N PRO D 276 -26.59 5.36 33.99
CA PRO D 276 -26.54 3.98 33.48
C PRO D 276 -25.38 3.16 34.07
N GLN D 277 -24.41 3.81 34.69
CA GLN D 277 -23.37 3.10 35.44
C GLN D 277 -23.94 2.32 36.63
N ASN D 278 -25.16 2.65 37.05
CA ASN D 278 -25.84 1.92 38.14
C ASN D 278 -26.73 0.77 37.70
N LEU D 279 -26.83 0.56 36.39
CA LEU D 279 -27.60 -0.54 35.85
C LEU D 279 -26.76 -1.80 35.79
N PRO D 280 -27.40 -2.98 35.85
CA PRO D 280 -26.66 -4.22 35.63
C PRO D 280 -26.03 -4.21 34.25
N THR D 281 -24.95 -4.95 34.06
CA THR D 281 -24.21 -4.89 32.80
C THR D 281 -24.51 -6.08 31.89
N ASN D 282 -25.57 -6.81 32.19
CA ASN D 282 -25.93 -7.97 31.39
C ASN D 282 -27.29 -7.81 30.68
N GLY D 283 -27.77 -6.58 30.59
CA GLY D 283 -29.06 -6.34 29.93
C GLY D 283 -28.91 -6.30 28.42
N VAL D 284 -30.05 -6.39 27.73
CA VAL D 284 -30.08 -6.40 26.27
C VAL D 284 -30.87 -5.19 25.77
N PHE D 285 -30.32 -4.43 24.82
CA PHE D 285 -31.07 -3.35 24.22
C PHE D 285 -32.05 -3.92 23.21
N VAL D 286 -33.27 -3.39 23.22
CA VAL D 286 -34.33 -3.85 22.32
C VAL D 286 -35.03 -2.63 21.73
N PHE D 287 -35.13 -2.57 20.40
CA PHE D 287 -35.87 -1.48 19.77
C PHE D 287 -37.34 -1.56 20.15
N SER D 288 -37.89 -0.42 20.57
CA SER D 288 -39.29 -0.38 21.00
C SER D 288 -40.14 0.38 19.98
N SER D 289 -39.79 1.62 19.66
CA SER D 289 -40.56 2.40 18.69
C SER D 289 -39.74 3.59 18.21
N TRP D 290 -40.15 4.15 17.07
CA TRP D 290 -39.63 5.43 16.61
C TRP D 290 -40.30 6.56 17.36
N VAL D 291 -39.51 7.54 17.77
CA VAL D 291 -40.02 8.70 18.51
C VAL D 291 -39.47 10.01 17.96
N SER D 292 -40.08 11.11 18.35
CA SER D 292 -39.60 12.42 17.91
C SER D 292 -38.33 12.83 18.68
N ARG D 293 -37.63 13.83 18.14
CA ARG D 293 -36.36 14.28 18.71
C ARG D 293 -36.44 14.69 20.16
N TYR D 294 -37.56 15.26 20.54
CA TYR D 294 -37.70 15.74 21.92
C TYR D 294 -38.56 14.84 22.80
N TYR D 295 -38.72 13.60 22.37
CA TYR D 295 -39.37 12.62 23.22
C TYR D 295 -38.63 12.59 24.55
N GLN D 296 -39.35 12.87 25.63
CA GLN D 296 -38.77 12.86 26.96
C GLN D 296 -38.61 11.44 27.53
N LEU D 297 -37.40 11.11 27.95
CA LEU D 297 -37.09 9.82 28.55
C LEU D 297 -37.31 9.77 30.06
N LYS D 298 -37.73 8.62 30.54
CA LYS D 298 -37.75 8.37 31.96
C LYS D 298 -36.32 8.25 32.45
N PRO D 299 -35.99 8.95 33.55
CA PRO D 299 -34.61 8.91 34.04
C PRO D 299 -34.19 7.52 34.48
N VAL D 300 -32.89 7.29 34.32
CA VAL D 300 -32.31 6.00 34.59
C VAL D 300 -31.23 6.02 35.68
N GLY D 301 -31.19 4.94 36.45
CA GLY D 301 -30.08 4.68 37.34
C GLY D 301 -30.01 5.54 38.60
C1 NAG E . -8.20 -7.13 -34.84
C2 NAG E . -8.22 -5.63 -34.97
C3 NAG E . -7.42 -5.01 -33.83
C4 NAG E . -7.95 -5.52 -32.50
C5 NAG E . -7.95 -7.04 -32.51
C6 NAG E . -8.48 -7.56 -31.17
C7 NAG E . -8.38 -4.83 -37.29
C8 NAG E . -9.88 -4.82 -37.04
N2 NAG E . -7.63 -5.23 -36.26
O1 NAG E . -8.96 -7.72 -35.90
O3 NAG E . -7.55 -3.57 -33.87
O4 NAG E . -7.11 -5.04 -31.44
O5 NAG E . -8.78 -7.52 -33.58
O6 NAG E . -8.27 -8.98 -31.10
O7 NAG E . -7.92 -4.50 -38.39
C1 GAL E . -7.92 -4.39 -30.45
C2 GAL E . -7.04 -3.94 -29.29
C3 GAL E . -7.89 -3.24 -28.25
C4 GAL E . -8.67 -2.11 -28.90
C5 GAL E . -9.46 -2.66 -30.08
C6 GAL E . -10.24 -1.53 -30.74
O2 GAL E . -6.40 -5.09 -28.70
O3 GAL E . -7.04 -2.70 -27.23
O4 GAL E . -7.76 -1.11 -29.37
O5 GAL E . -8.56 -3.25 -31.03
O6 GAL E . -11.57 -1.97 -31.03
C1 FUC E . -4.98 -4.93 -28.75
C2 FUC E . -4.33 -5.91 -27.80
C3 FUC E . -4.68 -7.34 -28.20
C4 FUC E . -4.33 -7.55 -29.66
C5 FUC E . -4.99 -6.48 -30.52
C6 FUC E . -4.60 -6.69 -31.99
O2 FUC E . -4.79 -5.67 -26.47
O3 FUC E . -3.96 -8.26 -27.39
O4 FUC E . -2.89 -7.49 -29.82
O5 FUC E . -4.52 -5.18 -30.09
C1 NAG F . 12.44 -23.19 -21.30
C2 NAG F . 13.54 -22.93 -20.30
C3 NAG F . 13.87 -21.45 -20.26
C4 NAG F . 14.18 -20.97 -21.67
C5 NAG F . 13.05 -21.34 -22.60
C6 NAG F . 13.37 -20.87 -24.02
C7 NAG F . 13.17 -24.64 -18.57
C8 NAG F . 12.67 -24.92 -17.16
N2 NAG F . 13.10 -23.37 -18.97
O1 NAG F . 12.14 -24.59 -21.34
O3 NAG F . 15.00 -21.22 -19.41
O4 NAG F . 14.36 -19.54 -21.67
O5 NAG F . 12.87 -22.76 -22.61
O6 NAG F . 14.53 -21.54 -24.50
O7 NAG F . 13.60 -25.55 -19.27
C1 GAL F . 15.62 -19.21 -22.27
C2 GAL F . 15.62 -17.75 -22.67
C3 GAL F . 16.95 -17.39 -23.29
C4 GAL F . 18.08 -17.78 -22.34
C5 GAL F . 17.94 -19.24 -21.95
C6 GAL F . 19.07 -19.62 -21.00
O2 GAL F . 14.57 -17.51 -23.62
O3 GAL F . 17.01 -15.98 -23.54
O4 GAL F . 18.00 -16.96 -21.16
O5 GAL F . 16.67 -19.45 -21.32
O6 GAL F . 19.30 -21.03 -21.06
C1 FUC F . 13.82 -16.35 -23.23
C2 FUC F . 13.11 -15.77 -24.44
C3 FUC F . 12.16 -16.81 -25.01
C4 FUC F . 11.22 -17.30 -23.91
C5 FUC F . 12.04 -17.79 -22.73
C6 FUC F . 11.10 -18.28 -21.62
O2 FUC F . 14.07 -15.41 -25.43
O3 FUC F . 11.39 -16.23 -26.07
O4 FUC F . 10.36 -16.23 -23.50
O5 FUC F . 12.86 -16.72 -22.24
C1 NAG G . 15.78 -21.45 20.67
C2 NAG G . 14.97 -22.21 19.63
C3 NAG G . 13.51 -21.84 19.76
C4 NAG G . 13.05 -22.07 21.19
C5 NAG G . 13.97 -21.32 22.14
C6 NAG G . 13.51 -21.56 23.58
C7 NAG G . 15.48 -22.75 17.28
C8 NAG G . 16.01 -22.21 15.95
N2 NAG G . 15.45 -21.86 18.28
O1 NAG G . 17.18 -21.81 20.55
O3 NAG G . 12.73 -22.65 18.87
O4 NAG G . 11.71 -21.60 21.34
O5 NAG G . 15.31 -21.79 21.98
O6 NAG G . 14.03 -22.81 24.04
O7 NAG G . 15.11 -23.92 17.40
C1 GAL G . 10.94 -22.55 22.08
C2 GAL G . 9.65 -21.91 22.57
C3 GAL G . 8.83 -22.93 23.34
C4 GAL G . 8.64 -24.17 22.49
C5 GAL G . 9.98 -24.69 22.02
C6 GAL G . 9.77 -25.94 21.16
O2 GAL G . 9.95 -20.80 23.41
O3 GAL G . 7.56 -22.37 23.67
O4 GAL G . 7.81 -23.85 21.35
O5 GAL G . 10.64 -23.67 21.25
O6 GAL G . 10.93 -26.77 21.26
C1 FUC G . 9.36 -19.60 22.87
C2 FUC G . 9.26 -18.55 23.97
C3 FUC G . 10.64 -18.23 24.50
C4 FUC G . 11.56 -17.83 23.34
C5 FUC G . 11.54 -18.93 22.29
C6 FUC G . 12.45 -18.53 21.12
O2 FUC G . 8.44 -19.05 25.03
O3 FUC G . 10.55 -17.14 25.43
O4 FUC G . 11.09 -16.60 22.77
O5 FUC G . 10.20 -19.11 21.81
C1 NAG H . 11.97 5.16 32.43
C2 NAG H . 10.70 5.87 32.85
C3 NAG H . 9.53 5.37 32.02
C4 NAG H . 9.87 5.51 30.54
C5 NAG H . 11.18 4.81 30.25
C6 NAG H . 11.53 4.96 28.76
C7 NAG H . 10.46 6.59 35.20
C8 NAG H . 10.79 7.98 34.65
N2 NAG H . 10.43 5.61 34.28
O1 NAG H . 13.07 5.64 33.22
O3 NAG H . 8.36 6.14 32.32
O4 NAG H . 8.82 4.91 29.75
O5 NAG H . 12.23 5.40 31.05
O6 NAG H . 11.83 6.32 28.48
O7 NAG H . 10.25 6.41 36.39
C1 GAL H . 8.47 5.80 28.68
C2 GAL H . 7.66 5.03 27.64
C3 GAL H . 7.28 5.97 26.51
C4 GAL H . 6.57 7.19 27.08
C5 GAL H . 7.45 7.84 28.14
C6 GAL H . 6.74 9.06 28.72
O2 GAL H . 8.44 3.94 27.13
O3 GAL H . 6.40 5.29 25.61
O4 GAL H . 5.32 6.80 27.66
O5 GAL H . 7.69 6.89 29.20
O6 GAL H . 7.70 9.96 29.27
C1 FUC H . 7.64 2.76 27.10
C2 FUC H . 8.25 1.76 26.14
C3 FUC H . 9.67 1.41 26.60
C4 FUC H . 9.62 0.93 28.04
C5 FUC H . 8.93 1.97 28.90
C6 FUC H . 8.88 1.49 30.35
O2 FUC H . 8.31 2.34 24.82
O3 FUC H . 10.19 0.37 25.76
O4 FUC H . 8.90 -0.31 28.11
O5 FUC H . 7.59 2.19 28.41
#